data_7B1Y
#
_entry.id   7B1Y
#
_cell.length_a   195.035
_cell.length_b   112.899
_cell.length_c   88.505
_cell.angle_alpha   90.000
_cell.angle_beta   117.070
_cell.angle_gamma   90.000
#
_symmetry.space_group_name_H-M   'C 1 2 1'
#
loop_
_entity.id
_entity.type
_entity.pdbx_description
1 polymer 'DtxR family iron (Metal) dependent repressor'
2 polymer 'consensus DNA-binding sequence'
3 polymer 'consensus DNA-binding sequence'
4 non-polymer 'COBALT (II) ION'
5 water water
#
loop_
_entity_poly.entity_id
_entity_poly.type
_entity_poly.pdbx_seq_one_letter_code
_entity_poly.pdbx_strand_id
1 'polypeptide(L)'
;GHMNDLIDTTEMYLRTIYDLEEEGVVPLRARIAERLEQSGPTVSQTVARMERDGLLTVAEDRHLELTKAGRARAISVMRK
HRLAERLLVDVIGLEWEQVHLEA(CSD)RWEHVMSEAVERKLVKLLGNPTTSPYGNPIPGLDELGVGDSVEPVDTDLRRV
DEVARSGGGRALVCRIAEHVQLDPDLMSELKKVGVVPGNEIDIVAVAGVNKPIQVQGSEGGTQLQPGIAHAVMVRVK
;
A,B,C,D,aa,dd
2 'polydeoxyribonucleotide'
;(DC)(DG)(DT)(DG)(DA)(DC)(DT)(DT)(DA)(DG)(DG)(DT)(DT)(DA)(DG)(DC)(DC)(DT)(DA)(DA)
(DC)(DC)(DT)(DA)(DA)(DG)(DT)(DA)(DC)(DG)
;
E
3 'polydeoxyribonucleotide'
;(DC)(DG)(DT)(DA)(DC)(DT)(DT)(DA)(DG)(DG)(DT)(DT)(DA)(DG)(DG)(DC)(DT)(DA)(DA)(DC)
(DC)(DT)(DA)(DA)(DG)(DT)(DC)(DA)(DC)(DG)
;
F
#
loop_
_chem_comp.id
_chem_comp.type
_chem_comp.name
_chem_comp.formula
CO non-polymer 'COBALT (II) ION' 'Co 2'
DA DNA linking 2'-DEOXYADENOSINE-5'-MONOPHOSPHATE 'C10 H14 N5 O6 P'
DC DNA linking 2'-DEOXYCYTIDINE-5'-MONOPHOSPHATE 'C9 H14 N3 O7 P'
DG DNA linking 2'-DEOXYGUANOSINE-5'-MONOPHOSPHATE 'C10 H14 N5 O7 P'
DT DNA linking THYMIDINE-5'-MONOPHOSPHATE 'C10 H15 N2 O8 P'
#
# COMPACT_ATOMS: atom_id res chain seq x y z
N ASP A 5 -7.74 5.17 -20.98
CA ASP A 5 -7.58 6.16 -22.08
C ASP A 5 -6.28 5.87 -22.85
N LEU A 6 -5.12 6.09 -22.22
CA LEU A 6 -3.77 5.83 -22.80
C LEU A 6 -3.43 4.34 -22.69
N ILE A 7 -4.10 3.62 -21.78
CA ILE A 7 -3.89 2.17 -21.48
C ILE A 7 -2.58 2.01 -20.69
N ASP A 8 -1.45 2.45 -21.26
CA ASP A 8 -0.12 2.45 -20.61
C ASP A 8 0.53 3.83 -20.82
N THR A 9 0.65 4.61 -19.75
CA THR A 9 1.22 5.99 -19.75
C THR A 9 2.67 5.96 -20.24
N THR A 10 3.51 5.11 -19.65
CA THR A 10 4.96 4.98 -19.97
C THR A 10 5.14 4.73 -21.47
N GLU A 11 4.44 3.75 -22.02
CA GLU A 11 4.60 3.30 -23.44
C GLU A 11 4.17 4.42 -24.39
N MET A 12 3.12 5.17 -24.05
CA MET A 12 2.55 6.26 -24.88
C MET A 12 3.49 7.46 -24.88
N TYR A 13 4.16 7.75 -23.76
CA TYR A 13 5.19 8.81 -23.64
C TYR A 13 6.40 8.44 -24.52
N LEU A 14 6.84 7.18 -24.44
CA LEU A 14 7.99 6.64 -25.22
C LEU A 14 7.68 6.72 -26.72
N ARG A 15 6.49 6.27 -27.13
CA ARG A 15 6.08 6.24 -28.56
C ARG A 15 5.88 7.67 -29.08
N THR A 16 5.37 8.57 -28.23
CA THR A 16 5.15 10.01 -28.56
C THR A 16 6.50 10.68 -28.84
N ILE A 17 7.53 10.36 -28.05
CA ILE A 17 8.91 10.89 -28.24
C ILE A 17 9.49 10.32 -29.54
N TYR A 18 9.23 9.03 -29.82
CA TYR A 18 9.66 8.33 -31.05
C TYR A 18 8.99 8.99 -32.26
N ASP A 19 7.70 9.32 -32.16
CA ASP A 19 6.89 10.00 -33.21
C ASP A 19 7.56 11.32 -33.59
N LEU A 20 7.88 12.15 -32.59
CA LEU A 20 8.49 13.50 -32.78
C LEU A 20 9.85 13.36 -33.47
N GLU A 21 10.64 12.33 -33.11
CA GLU A 21 11.95 12.02 -33.75
C GLU A 21 11.75 11.64 -35.22
N GLU A 22 10.69 10.89 -35.54
CA GLU A 22 10.35 10.48 -36.93
C GLU A 22 9.92 11.71 -37.75
N GLU A 23 9.23 12.67 -37.12
CA GLU A 23 8.74 13.91 -37.76
C GLU A 23 9.85 14.97 -37.82
N GLY A 24 11.03 14.71 -37.25
CA GLY A 24 12.16 15.65 -37.20
C GLY A 24 11.83 16.89 -36.37
N VAL A 25 10.99 16.72 -35.33
CA VAL A 25 10.63 17.77 -34.34
C VAL A 25 11.50 17.57 -33.08
N VAL A 26 11.76 18.64 -32.33
CA VAL A 26 12.52 18.61 -31.06
C VAL A 26 11.62 18.01 -29.99
N PRO A 27 11.99 16.87 -29.35
CA PRO A 27 11.16 16.25 -28.32
C PRO A 27 11.20 17.06 -27.02
N LEU A 28 10.21 17.92 -26.80
CA LEU A 28 10.03 18.71 -25.54
C LEU A 28 8.80 18.20 -24.80
N ARG A 29 8.76 18.44 -23.48
CA ARG A 29 7.62 18.09 -22.60
C ARG A 29 6.35 18.82 -23.07
N ALA A 30 6.49 20.06 -23.56
CA ALA A 30 5.40 20.89 -24.11
C ALA A 30 4.74 20.16 -25.30
N ARG A 31 5.52 19.47 -26.12
CA ARG A 31 5.03 18.70 -27.31
C ARG A 31 4.16 17.52 -26.84
N ILE A 32 4.58 16.83 -25.77
CA ILE A 32 3.87 15.64 -25.21
C ILE A 32 2.52 16.09 -24.63
N ALA A 33 2.51 17.22 -23.92
CA ALA A 33 1.31 17.84 -23.30
C ALA A 33 0.23 18.08 -24.37
N GLU A 34 0.62 18.69 -25.49
CA GLU A 34 -0.28 19.02 -26.64
C GLU A 34 -0.91 17.74 -27.19
N ARG A 35 -0.08 16.72 -27.48
CA ARG A 35 -0.45 15.54 -28.31
C ARG A 35 -1.25 14.52 -27.49
N LEU A 36 -0.91 14.35 -26.21
CA LEU A 36 -1.63 13.43 -25.29
C LEU A 36 -2.69 14.20 -24.50
N GLU A 37 -2.82 15.51 -24.74
CA GLU A 37 -3.82 16.41 -24.10
C GLU A 37 -3.72 16.28 -22.58
N GLN A 38 -2.52 16.50 -22.03
CA GLN A 38 -2.23 16.50 -20.57
C GLN A 38 -1.60 17.84 -20.19
N SER A 39 -1.79 18.27 -18.93
CA SER A 39 -1.25 19.53 -18.38
C SER A 39 0.28 19.44 -18.28
N GLY A 40 0.97 20.58 -18.30
CA GLY A 40 2.45 20.67 -18.21
C GLY A 40 2.99 19.99 -16.96
N PRO A 41 2.41 20.25 -15.76
CA PRO A 41 2.85 19.59 -14.52
C PRO A 41 2.80 18.06 -14.60
N THR A 42 1.69 17.51 -15.12
CA THR A 42 1.51 16.04 -15.34
C THR A 42 2.68 15.48 -16.14
N VAL A 43 3.03 16.14 -17.25
CA VAL A 43 4.05 15.67 -18.23
C VAL A 43 5.44 15.76 -17.58
N SER A 44 5.75 16.87 -16.90
CA SER A 44 7.01 17.07 -16.13
C SER A 44 7.17 15.95 -15.09
N GLN A 45 6.10 15.65 -14.36
CA GLN A 45 6.09 14.64 -13.26
C GLN A 45 6.32 13.24 -13.85
N THR A 46 5.57 12.87 -14.88
CA THR A 46 5.65 11.54 -15.56
C THR A 46 7.05 11.38 -16.18
N VAL A 47 7.56 12.43 -16.84
CA VAL A 47 8.92 12.42 -17.48
C VAL A 47 9.97 12.21 -16.38
N ALA A 48 9.79 12.81 -15.20
CA ALA A 48 10.69 12.69 -14.03
C ALA A 48 10.70 11.24 -13.53
N ARG A 49 9.53 10.59 -13.45
CA ARG A 49 9.37 9.16 -13.10
C ARG A 49 10.16 8.29 -14.09
N MET A 50 10.00 8.57 -15.39
CA MET A 50 10.63 7.80 -16.49
C MET A 50 12.14 8.06 -16.50
N GLU A 51 12.57 9.24 -16.06
CA GLU A 51 14.00 9.59 -15.85
C GLU A 51 14.55 8.80 -14.65
N ARG A 52 13.78 8.74 -13.57
CA ARG A 52 14.15 7.99 -12.33
C ARG A 52 14.25 6.49 -12.64
N ASP A 53 13.41 5.99 -13.55
CA ASP A 53 13.35 4.54 -13.93
C ASP A 53 14.37 4.25 -15.05
N GLY A 54 15.02 5.28 -15.59
CA GLY A 54 16.17 5.14 -16.53
C GLY A 54 15.71 4.92 -17.96
N LEU A 55 14.52 5.41 -18.33
CA LEU A 55 13.93 5.23 -19.69
C LEU A 55 14.28 6.45 -20.57
N LEU A 56 14.55 7.61 -19.98
CA LEU A 56 14.99 8.83 -20.72
C LEU A 56 15.84 9.74 -19.83
N THR A 57 16.49 10.74 -20.44
CA THR A 57 17.23 11.83 -19.76
C THR A 57 16.79 13.16 -20.36
N VAL A 58 16.65 14.19 -19.52
CA VAL A 58 16.42 15.61 -19.94
C VAL A 58 17.79 16.24 -20.18
N ALA A 59 18.07 16.64 -21.43
CA ALA A 59 19.34 17.24 -21.85
C ALA A 59 19.44 18.68 -21.33
N GLU A 60 20.64 19.27 -21.40
CA GLU A 60 20.94 20.67 -21.01
C GLU A 60 19.96 21.65 -21.68
N ASP A 61 19.57 21.37 -22.93
CA ASP A 61 18.65 22.24 -23.74
C ASP A 61 17.19 21.79 -23.56
N ARG A 62 16.92 20.92 -22.58
CA ARG A 62 15.57 20.53 -22.10
C ARG A 62 14.86 19.59 -23.09
N HIS A 63 15.56 19.08 -24.10
CA HIS A 63 15.00 18.09 -25.08
C HIS A 63 15.12 16.69 -24.46
N LEU A 64 14.10 15.85 -24.67
CA LEU A 64 14.00 14.48 -24.07
C LEU A 64 14.78 13.49 -24.95
N GLU A 65 15.81 12.87 -24.37
CA GLU A 65 16.66 11.84 -25.02
C GLU A 65 16.29 10.48 -24.44
N LEU A 66 15.80 9.56 -25.27
CA LEU A 66 15.52 8.15 -24.88
C LEU A 66 16.86 7.49 -24.55
N THR A 67 16.89 6.68 -23.49
CA THR A 67 18.05 5.82 -23.12
C THR A 67 18.04 4.56 -23.99
N LYS A 68 19.07 3.72 -23.84
CA LYS A 68 19.16 2.39 -24.49
C LYS A 68 17.90 1.59 -24.16
N ALA A 69 17.52 1.56 -22.88
CA ALA A 69 16.35 0.82 -22.34
C ALA A 69 15.05 1.46 -22.87
N GLY A 70 14.99 2.79 -22.91
CA GLY A 70 13.82 3.55 -23.38
C GLY A 70 13.54 3.34 -24.85
N ARG A 71 14.60 3.36 -25.67
CA ARG A 71 14.52 3.20 -27.15
C ARG A 71 14.06 1.77 -27.47
N ALA A 72 14.61 0.77 -26.79
CA ALA A 72 14.26 -0.66 -26.94
C ALA A 72 12.76 -0.85 -26.70
N ARG A 73 12.22 -0.20 -25.66
CA ARG A 73 10.79 -0.26 -25.28
C ARG A 73 9.94 0.49 -26.32
N ALA A 74 10.38 1.68 -26.75
CA ALA A 74 9.72 2.52 -27.78
C ALA A 74 9.61 1.75 -29.10
N ILE A 75 10.71 1.11 -29.53
CA ILE A 75 10.80 0.29 -30.78
C ILE A 75 9.79 -0.85 -30.70
N SER A 76 9.75 -1.54 -29.55
CA SER A 76 8.86 -2.68 -29.25
C SER A 76 7.38 -2.27 -29.41
N VAL A 77 6.99 -1.11 -28.87
CA VAL A 77 5.58 -0.61 -28.90
C VAL A 77 5.22 -0.22 -30.34
N MET A 78 6.14 0.41 -31.07
CA MET A 78 5.91 0.88 -32.46
C MET A 78 5.78 -0.31 -33.41
N ARG A 79 6.63 -1.33 -33.22
CA ARG A 79 6.62 -2.60 -33.99
C ARG A 79 5.25 -3.28 -33.83
N LYS A 80 4.77 -3.39 -32.59
CA LYS A 80 3.44 -3.99 -32.26
C LYS A 80 2.36 -3.17 -32.95
N HIS A 81 2.43 -1.84 -32.81
CA HIS A 81 1.47 -0.86 -33.40
C HIS A 81 1.31 -1.13 -34.90
N ARG A 82 2.40 -1.17 -35.66
CA ARG A 82 2.39 -1.17 -37.15
C ARG A 82 2.04 -2.57 -37.68
N LEU A 83 2.34 -3.63 -36.93
CA LEU A 83 1.92 -5.01 -37.28
C LEU A 83 0.41 -5.15 -37.03
N ALA A 84 -0.10 -4.55 -35.95
CA ALA A 84 -1.55 -4.50 -35.62
C ALA A 84 -2.30 -3.80 -36.76
N GLU A 85 -1.77 -2.69 -37.27
CA GLU A 85 -2.38 -1.88 -38.37
C GLU A 85 -2.49 -2.75 -39.63
N ARG A 86 -1.43 -3.48 -39.98
CA ARG A 86 -1.37 -4.37 -41.16
C ARG A 86 -2.44 -5.46 -41.04
N LEU A 87 -2.54 -6.11 -39.88
CA LEU A 87 -3.57 -7.14 -39.56
C LEU A 87 -4.97 -6.51 -39.70
N LEU A 88 -5.16 -5.31 -39.14
CA LEU A 88 -6.47 -4.61 -39.10
C LEU A 88 -6.93 -4.27 -40.53
N VAL A 89 -5.99 -3.89 -41.42
CA VAL A 89 -6.28 -3.46 -42.82
C VAL A 89 -6.35 -4.70 -43.72
N ASP A 90 -5.28 -5.50 -43.77
CA ASP A 90 -5.07 -6.57 -44.79
C ASP A 90 -5.96 -7.78 -44.51
N VAL A 91 -6.25 -8.10 -43.24
CA VAL A 91 -6.94 -9.36 -42.83
C VAL A 91 -8.35 -9.06 -42.31
N ILE A 92 -8.47 -8.23 -41.26
CA ILE A 92 -9.75 -7.98 -40.54
C ILE A 92 -10.64 -7.05 -41.38
N GLY A 93 -10.04 -6.08 -42.07
CA GLY A 93 -10.74 -5.16 -43.00
C GLY A 93 -11.46 -4.03 -42.28
N LEU A 94 -10.88 -3.53 -41.18
CA LEU A 94 -11.34 -2.30 -40.48
C LEU A 94 -11.05 -1.11 -41.40
N GLU A 95 -11.91 -0.08 -41.36
CA GLU A 95 -11.84 1.10 -42.28
C GLU A 95 -10.49 1.81 -42.11
N TRP A 96 -9.89 2.22 -43.22
CA TRP A 96 -8.52 2.81 -43.32
C TRP A 96 -8.30 3.92 -42.29
N GLU A 97 -9.36 4.65 -41.91
CA GLU A 97 -9.28 5.87 -41.06
C GLU A 97 -9.34 5.50 -39.57
N GLN A 98 -10.02 4.41 -39.20
CA GLN A 98 -10.25 3.98 -37.79
C GLN A 98 -9.10 3.10 -37.29
N VAL A 99 -8.22 2.63 -38.18
CA VAL A 99 -7.24 1.53 -37.89
C VAL A 99 -6.24 1.98 -36.82
N HIS A 100 -5.65 3.17 -36.98
CA HIS A 100 -4.59 3.69 -36.07
C HIS A 100 -5.12 3.77 -34.64
N LEU A 101 -6.33 4.31 -34.44
CA LEU A 101 -6.97 4.49 -33.10
C LEU A 101 -7.13 3.12 -32.42
N GLU A 102 -7.39 2.07 -33.21
CA GLU A 102 -7.51 0.67 -32.72
C GLU A 102 -6.12 0.17 -32.34
N ALA A 103 -5.15 0.29 -33.26
CA ALA A 103 -3.74 -0.17 -33.09
C ALA A 103 -3.07 0.59 -31.95
N CSD A 104 -3.57 1.79 -31.63
CA CSD A 104 -3.04 2.61 -30.56
CB CSD A 104 -3.62 4.02 -30.59
SG CSD A 104 -2.34 5.22 -30.10
C CSD A 104 -3.30 1.96 -29.19
O CSD A 104 -2.59 2.23 -28.24
OD1 CSD A 104 -2.74 6.51 -30.70
OD2 CSD A 104 -2.38 5.36 -28.52
N ARG A 105 -4.35 1.12 -29.12
CA ARG A 105 -4.67 0.41 -27.89
C ARG A 105 -4.04 -1.00 -27.93
N TRP A 106 -4.07 -1.65 -29.10
CA TRP A 106 -3.56 -3.03 -29.32
C TRP A 106 -2.05 -3.11 -29.04
N GLU A 107 -1.32 -2.04 -29.34
CA GLU A 107 0.17 -1.96 -29.22
C GLU A 107 0.63 -2.27 -27.78
N HIS A 108 -0.26 -2.16 -26.79
CA HIS A 108 0.07 -2.27 -25.35
C HIS A 108 -0.17 -3.69 -24.80
N VAL A 109 -0.88 -4.54 -25.54
CA VAL A 109 -1.34 -5.89 -25.05
C VAL A 109 -0.79 -7.02 -25.93
N MET A 110 -0.15 -6.71 -27.06
CA MET A 110 0.34 -7.74 -28.03
C MET A 110 1.66 -8.34 -27.50
N SER A 111 1.71 -9.67 -27.36
CA SER A 111 2.94 -10.43 -27.01
C SER A 111 3.83 -10.55 -28.24
N GLU A 112 5.13 -10.78 -28.04
CA GLU A 112 6.11 -11.01 -29.14
C GLU A 112 5.79 -12.33 -29.85
N ALA A 113 5.14 -13.27 -29.16
CA ALA A 113 4.66 -14.56 -29.71
C ALA A 113 3.67 -14.31 -30.85
N VAL A 114 2.72 -13.39 -30.64
CA VAL A 114 1.71 -12.99 -31.66
C VAL A 114 2.41 -12.25 -32.80
N GLU A 115 3.31 -11.32 -32.48
CA GLU A 115 4.08 -10.52 -33.48
C GLU A 115 4.72 -11.45 -34.50
N ARG A 116 5.37 -12.52 -34.04
CA ARG A 116 6.08 -13.51 -34.91
C ARG A 116 5.06 -14.26 -35.79
N LYS A 117 3.87 -14.55 -35.24
CA LYS A 117 2.76 -15.19 -35.98
C LYS A 117 2.20 -14.22 -37.03
N LEU A 118 2.09 -12.92 -36.68
CA LEU A 118 1.61 -11.86 -37.59
C LEU A 118 2.60 -11.67 -38.73
N VAL A 119 3.91 -11.75 -38.45
CA VAL A 119 4.99 -11.59 -39.47
C VAL A 119 4.85 -12.69 -40.53
N LYS A 120 4.58 -13.93 -40.13
CA LYS A 120 4.37 -15.08 -41.05
C LYS A 120 3.09 -14.87 -41.86
N LEU A 121 1.99 -14.54 -41.18
CA LEU A 121 0.63 -14.37 -41.78
C LEU A 121 0.66 -13.28 -42.85
N LEU A 122 1.29 -12.14 -42.56
CA LEU A 122 1.25 -10.91 -43.41
C LEU A 122 2.37 -10.95 -44.48
N GLY A 123 3.24 -11.97 -44.44
CA GLY A 123 4.25 -12.22 -45.48
C GLY A 123 5.47 -11.32 -45.33
N ASN A 124 5.98 -11.17 -44.11
CA ASN A 124 7.20 -10.39 -43.77
C ASN A 124 7.04 -8.95 -44.26
N PRO A 125 6.10 -8.17 -43.68
CA PRO A 125 5.94 -6.76 -44.04
C PRO A 125 7.10 -5.91 -43.48
N THR A 126 7.56 -4.92 -44.25
CA THR A 126 8.63 -3.96 -43.86
C THR A 126 8.01 -2.60 -43.47
N THR A 127 6.75 -2.35 -43.85
CA THR A 127 6.04 -1.06 -43.64
C THR A 127 4.63 -1.31 -43.11
N SER A 128 4.05 -0.30 -42.46
CA SER A 128 2.62 -0.22 -42.05
C SER A 128 1.78 0.16 -43.28
N PRO A 129 0.43 0.11 -43.22
CA PRO A 129 -0.42 0.53 -44.33
C PRO A 129 -0.27 2.00 -44.73
N TYR A 130 0.37 2.81 -43.85
CA TYR A 130 0.58 4.27 -44.05
C TYR A 130 2.03 4.54 -44.46
N GLY A 131 2.78 3.49 -44.83
CA GLY A 131 4.10 3.58 -45.45
C GLY A 131 5.24 3.68 -44.44
N ASN A 132 4.92 3.76 -43.14
CA ASN A 132 5.92 3.94 -42.05
C ASN A 132 6.66 2.62 -41.85
N PRO A 133 8.02 2.61 -41.90
CA PRO A 133 8.79 1.39 -41.68
C PRO A 133 8.49 0.74 -40.32
N ILE A 134 8.50 -0.60 -40.27
CA ILE A 134 8.34 -1.40 -39.03
C ILE A 134 9.74 -1.61 -38.43
N PRO A 135 10.05 -0.99 -37.27
CA PRO A 135 11.36 -1.16 -36.64
C PRO A 135 11.41 -2.40 -35.73
N GLY A 136 12.62 -2.81 -35.34
CA GLY A 136 12.87 -3.85 -34.33
C GLY A 136 12.44 -5.24 -34.77
N LEU A 137 12.34 -5.50 -36.08
CA LEU A 137 12.03 -6.85 -36.63
C LEU A 137 13.22 -7.79 -36.35
N ASP A 138 14.45 -7.25 -36.35
CA ASP A 138 15.69 -7.93 -35.89
C ASP A 138 15.46 -8.54 -34.50
N GLU A 139 14.82 -7.78 -33.60
CA GLU A 139 14.66 -8.11 -32.16
C GLU A 139 13.69 -9.30 -31.98
N LEU A 140 12.74 -9.48 -32.90
CA LEU A 140 11.80 -10.63 -32.93
C LEU A 140 12.56 -11.91 -33.32
N GLY A 141 13.53 -11.78 -34.24
CA GLY A 141 14.30 -12.90 -34.82
C GLY A 141 13.98 -13.12 -36.28
N VAL A 142 13.16 -12.24 -36.89
CA VAL A 142 12.64 -12.37 -38.28
C VAL A 142 13.39 -11.37 -39.17
N ASN B 4 1.66 -8.59 -11.59
CA ASN B 4 0.51 -9.18 -12.33
C ASN B 4 -0.49 -8.06 -12.68
N ASP B 5 -0.62 -7.73 -13.96
CA ASP B 5 -1.39 -6.56 -14.47
C ASP B 5 -2.70 -7.05 -15.10
N LEU B 6 -3.84 -6.52 -14.62
CA LEU B 6 -5.20 -6.88 -15.08
C LEU B 6 -5.59 -6.02 -16.29
N ILE B 7 -4.84 -4.96 -16.58
CA ILE B 7 -5.09 -3.97 -17.69
C ILE B 7 -6.29 -3.10 -17.30
N ASP B 8 -7.45 -3.71 -17.04
CA ASP B 8 -8.68 -3.03 -16.55
C ASP B 8 -9.24 -3.82 -15.37
N THR B 9 -9.22 -3.23 -14.16
CA THR B 9 -9.64 -3.86 -12.89
C THR B 9 -11.15 -4.13 -12.90
N THR B 10 -11.96 -3.12 -13.22
CA THR B 10 -13.45 -3.19 -13.26
C THR B 10 -13.89 -4.35 -14.17
N GLU B 11 -13.41 -4.37 -15.41
CA GLU B 11 -13.79 -5.36 -16.45
C GLU B 11 -13.47 -6.79 -15.97
N MET B 12 -12.31 -6.97 -15.32
CA MET B 12 -11.84 -8.31 -14.86
C MET B 12 -12.69 -8.79 -13.68
N TYR B 13 -13.07 -7.87 -12.77
CA TYR B 13 -13.97 -8.17 -11.62
C TYR B 13 -15.33 -8.63 -12.16
N LEU B 14 -15.87 -7.91 -13.15
CA LEU B 14 -17.16 -8.24 -13.84
C LEU B 14 -17.04 -9.62 -14.50
N ARG B 15 -15.92 -9.91 -15.17
CA ARG B 15 -15.71 -11.14 -15.95
C ARG B 15 -15.50 -12.33 -15.00
N THR B 16 -14.88 -12.11 -13.85
CA THR B 16 -14.63 -13.13 -12.81
C THR B 16 -15.97 -13.57 -12.21
N ILE B 17 -16.91 -12.63 -12.01
CA ILE B 17 -18.29 -12.91 -11.49
C ILE B 17 -19.04 -13.75 -12.53
N TYR B 18 -18.91 -13.41 -13.81
CA TYR B 18 -19.53 -14.13 -14.96
C TYR B 18 -19.00 -15.57 -15.00
N ASP B 19 -17.66 -15.73 -14.96
CA ASP B 19 -16.96 -17.04 -14.95
C ASP B 19 -17.52 -17.92 -13.83
N LEU B 20 -17.67 -17.37 -12.62
CA LEU B 20 -18.16 -18.10 -11.42
C LEU B 20 -19.62 -18.55 -11.64
N GLU B 21 -20.43 -17.71 -12.27
CA GLU B 21 -21.86 -18.01 -12.62
C GLU B 21 -21.91 -19.17 -13.64
N GLU B 22 -20.95 -19.21 -14.58
CA GLU B 22 -20.87 -20.25 -15.64
C GLU B 22 -20.40 -21.59 -15.05
N GLU B 23 -19.51 -21.55 -14.05
CA GLU B 23 -18.95 -22.75 -13.37
C GLU B 23 -19.92 -23.24 -12.28
N GLY B 24 -21.01 -22.50 -12.03
CA GLY B 24 -22.03 -22.85 -11.01
C GLY B 24 -21.50 -22.71 -9.60
N VAL B 25 -20.66 -21.69 -9.35
CA VAL B 25 -20.08 -21.35 -8.03
C VAL B 25 -20.65 -20.01 -7.59
N VAL B 26 -20.91 -19.85 -6.28
CA VAL B 26 -21.50 -18.61 -5.69
C VAL B 26 -20.46 -17.50 -5.79
N PRO B 27 -20.77 -16.37 -6.47
CA PRO B 27 -19.81 -15.28 -6.62
C PRO B 27 -19.62 -14.46 -5.34
N LEU B 28 -18.67 -14.87 -4.50
CA LEU B 28 -18.25 -14.14 -3.27
C LEU B 28 -16.95 -13.39 -3.55
N ARG B 29 -16.68 -12.32 -2.79
CA ARG B 29 -15.43 -11.52 -2.86
C ARG B 29 -14.22 -12.43 -2.59
N ALA B 30 -14.38 -13.44 -1.74
CA ALA B 30 -13.35 -14.46 -1.42
C ALA B 30 -12.88 -15.15 -2.70
N ARG B 31 -13.79 -15.38 -3.67
CA ARG B 31 -13.49 -16.05 -4.96
C ARG B 31 -12.62 -15.12 -5.82
N ILE B 32 -12.95 -13.82 -5.88
CA ILE B 32 -12.22 -12.80 -6.69
C ILE B 32 -10.78 -12.69 -6.14
N ALA B 33 -10.63 -12.68 -4.81
CA ALA B 33 -9.34 -12.62 -4.09
C ALA B 33 -8.43 -13.80 -4.50
N GLU B 34 -8.99 -15.01 -4.49
CA GLU B 34 -8.27 -16.27 -4.86
C GLU B 34 -7.79 -16.20 -6.32
N ARG B 35 -8.68 -15.79 -7.23
CA ARG B 35 -8.51 -15.98 -8.70
C ARG B 35 -7.65 -14.87 -9.31
N LEU B 36 -7.85 -13.62 -8.88
CA LEU B 36 -7.07 -12.45 -9.36
C LEU B 36 -5.89 -12.18 -8.42
N GLU B 37 -5.72 -13.00 -7.37
CA GLU B 37 -4.57 -12.98 -6.42
C GLU B 37 -4.41 -11.57 -5.85
N GLN B 38 -5.47 -11.06 -5.21
CA GLN B 38 -5.50 -9.74 -4.51
C GLN B 38 -5.98 -9.97 -3.07
N SER B 39 -5.64 -9.06 -2.16
CA SER B 39 -5.96 -9.14 -0.71
C SER B 39 -7.46 -8.95 -0.50
N GLY B 40 -7.98 -9.49 0.61
CA GLY B 40 -9.38 -9.30 1.04
C GLY B 40 -9.76 -7.82 1.05
N PRO B 41 -9.03 -6.98 1.81
CA PRO B 41 -9.30 -5.53 1.84
C PRO B 41 -9.29 -4.83 0.47
N THR B 42 -8.41 -5.25 -0.45
CA THR B 42 -8.32 -4.71 -1.83
C THR B 42 -9.63 -4.98 -2.57
N VAL B 43 -10.13 -6.20 -2.48
CA VAL B 43 -11.30 -6.71 -3.26
C VAL B 43 -12.57 -6.00 -2.78
N SER B 44 -12.78 -5.89 -1.47
CA SER B 44 -13.96 -5.25 -0.84
C SER B 44 -14.04 -3.78 -1.27
N GLN B 45 -12.91 -3.07 -1.32
CA GLN B 45 -12.82 -1.64 -1.69
C GLN B 45 -13.18 -1.47 -3.17
N THR B 46 -12.65 -2.32 -4.05
CA THR B 46 -12.89 -2.28 -5.52
C THR B 46 -14.36 -2.61 -5.82
N VAL B 47 -14.94 -3.56 -5.07
CA VAL B 47 -16.38 -3.96 -5.20
C VAL B 47 -17.26 -2.78 -4.77
N ALA B 48 -16.83 -2.00 -3.78
CA ALA B 48 -17.55 -0.82 -3.23
C ALA B 48 -17.57 0.31 -4.27
N ARG B 49 -16.51 0.46 -5.06
CA ARG B 49 -16.43 1.46 -6.16
C ARG B 49 -17.38 1.05 -7.30
N MET B 50 -17.44 -0.24 -7.61
CA MET B 50 -18.30 -0.81 -8.68
C MET B 50 -19.77 -0.76 -8.23
N GLU B 51 -20.03 -0.99 -6.94
CA GLU B 51 -21.37 -0.86 -6.31
C GLU B 51 -21.81 0.61 -6.40
N ARG B 52 -20.91 1.53 -6.06
CA ARG B 52 -21.14 3.01 -6.10
C ARG B 52 -21.53 3.44 -7.52
N ASP B 53 -20.97 2.81 -8.56
CA ASP B 53 -21.19 3.16 -9.98
C ASP B 53 -22.27 2.25 -10.58
N GLY B 54 -22.96 1.46 -9.76
CA GLY B 54 -24.15 0.66 -10.13
C GLY B 54 -23.83 -0.39 -11.18
N LEU B 55 -22.74 -1.14 -11.00
CA LEU B 55 -22.32 -2.28 -11.86
C LEU B 55 -22.62 -3.62 -11.15
N LEU B 56 -22.81 -3.59 -9.82
CA LEU B 56 -23.23 -4.78 -9.03
C LEU B 56 -23.77 -4.35 -7.67
N THR B 57 -24.27 -5.31 -6.88
CA THR B 57 -24.75 -5.12 -5.49
C THR B 57 -24.36 -6.35 -4.66
N VAL B 58 -24.08 -6.16 -3.36
CA VAL B 58 -23.74 -7.24 -2.39
C VAL B 58 -25.02 -7.60 -1.63
N ALA B 59 -25.47 -8.86 -1.72
CA ALA B 59 -26.67 -9.40 -1.05
C ALA B 59 -26.43 -9.52 0.46
N GLU B 60 -27.39 -10.10 1.20
CA GLU B 60 -27.29 -10.35 2.65
C GLU B 60 -26.34 -11.54 2.91
N ASP B 61 -26.45 -12.61 2.12
CA ASP B 61 -25.53 -13.78 2.15
C ASP B 61 -24.20 -13.39 1.50
N ARG B 62 -24.09 -12.15 1.02
CA ARG B 62 -22.83 -11.46 0.63
C ARG B 62 -22.37 -11.93 -0.76
N HIS B 63 -23.25 -12.61 -1.52
CA HIS B 63 -22.99 -13.03 -2.92
C HIS B 63 -23.16 -11.80 -3.83
N LEU B 64 -22.30 -11.66 -4.84
CA LEU B 64 -22.25 -10.47 -5.74
C LEU B 64 -23.28 -10.65 -6.86
N GLU B 65 -24.16 -9.65 -7.03
CA GLU B 65 -25.25 -9.63 -8.05
C GLU B 65 -24.97 -8.49 -9.03
N LEU B 66 -24.82 -8.80 -10.32
CA LEU B 66 -24.63 -7.81 -11.41
C LEU B 66 -25.94 -7.06 -11.66
N THR B 67 -25.88 -5.74 -11.85
CA THR B 67 -27.00 -4.90 -12.35
C THR B 67 -27.18 -5.16 -13.85
N LYS B 68 -28.17 -4.52 -14.48
CA LYS B 68 -28.42 -4.64 -15.95
C LYS B 68 -27.22 -4.07 -16.70
N ALA B 69 -26.69 -2.92 -16.25
CA ALA B 69 -25.49 -2.25 -16.79
C ALA B 69 -24.26 -3.13 -16.56
N GLY B 70 -24.17 -3.77 -15.38
CA GLY B 70 -23.08 -4.69 -15.00
C GLY B 70 -23.03 -5.92 -15.88
N ARG B 71 -24.19 -6.57 -16.08
CA ARG B 71 -24.34 -7.79 -16.91
C ARG B 71 -24.01 -7.46 -18.37
N ALA B 72 -24.51 -6.33 -18.87
CA ALA B 72 -24.27 -5.81 -20.24
C ALA B 72 -22.76 -5.65 -20.48
N ARG B 73 -22.06 -5.05 -19.51
CA ARG B 73 -20.59 -4.78 -19.56
C ARG B 73 -19.82 -6.11 -19.49
N ALA B 74 -20.23 -7.01 -18.59
CA ALA B 74 -19.60 -8.34 -18.39
C ALA B 74 -19.68 -9.14 -19.70
N ILE B 75 -20.89 -9.23 -20.29
CA ILE B 75 -21.16 -9.95 -21.57
C ILE B 75 -20.30 -9.33 -22.68
N SER B 76 -20.22 -8.01 -22.72
CA SER B 76 -19.39 -7.23 -23.69
C SER B 76 -17.94 -7.70 -23.64
N VAL B 77 -17.36 -7.81 -22.43
CA VAL B 77 -15.94 -8.21 -22.20
C VAL B 77 -15.73 -9.66 -22.65
N MET B 78 -16.65 -10.56 -22.27
CA MET B 78 -16.56 -12.02 -22.57
C MET B 78 -16.66 -12.24 -24.08
N ARG B 79 -17.55 -11.50 -24.76
CA ARG B 79 -17.74 -11.55 -26.23
C ARG B 79 -16.41 -11.22 -26.92
N LYS B 80 -15.79 -10.10 -26.51
CA LYS B 80 -14.46 -9.65 -27.00
C LYS B 80 -13.42 -10.75 -26.74
N HIS B 81 -13.44 -11.34 -25.55
CA HIS B 81 -12.49 -12.41 -25.11
C HIS B 81 -12.54 -13.59 -26.09
N ARG B 82 -13.73 -14.12 -26.35
CA ARG B 82 -13.92 -15.40 -27.08
C ARG B 82 -13.82 -15.16 -28.59
N LEU B 83 -14.15 -13.96 -29.07
CA LEU B 83 -13.91 -13.55 -30.48
C LEU B 83 -12.40 -13.40 -30.73
N ALA B 84 -11.65 -12.92 -29.73
CA ALA B 84 -10.18 -12.78 -29.76
C ALA B 84 -9.54 -14.17 -29.84
N GLU B 85 -10.00 -15.10 -29.01
CA GLU B 85 -9.52 -16.51 -28.96
C GLU B 85 -9.73 -17.16 -30.33
N ARG B 86 -10.90 -16.95 -30.94
CA ARG B 86 -11.23 -17.46 -32.29
C ARG B 86 -10.21 -16.94 -33.31
N LEU B 87 -10.00 -15.61 -33.34
CA LEU B 87 -9.05 -14.93 -34.26
C LEU B 87 -7.64 -15.49 -34.06
N LEU B 88 -7.20 -15.64 -32.80
CA LEU B 88 -5.83 -16.09 -32.44
C LEU B 88 -5.60 -17.54 -32.91
N VAL B 89 -6.62 -18.39 -32.80
CA VAL B 89 -6.57 -19.83 -33.19
C VAL B 89 -6.75 -19.94 -34.71
N ASP B 90 -7.86 -19.42 -35.25
CA ASP B 90 -8.35 -19.68 -36.63
C ASP B 90 -7.48 -18.95 -37.67
N VAL B 91 -7.04 -17.72 -37.37
CA VAL B 91 -6.44 -16.78 -38.37
C VAL B 91 -4.94 -16.61 -38.10
N ILE B 92 -4.57 -16.19 -36.88
CA ILE B 92 -3.16 -15.86 -36.52
C ILE B 92 -2.40 -17.18 -36.28
N GLY B 93 -3.05 -18.17 -35.67
CA GLY B 93 -2.48 -19.51 -35.41
C GLY B 93 -1.55 -19.50 -34.21
N LEU B 94 -1.92 -18.78 -33.15
CA LEU B 94 -1.22 -18.81 -31.83
C LEU B 94 -1.51 -20.17 -31.17
N GLU B 95 -0.51 -20.78 -30.53
CA GLU B 95 -0.58 -22.14 -29.94
C GLU B 95 -1.75 -22.21 -28.96
N TRP B 96 -2.49 -23.33 -28.98
CA TRP B 96 -3.77 -23.57 -28.27
C TRP B 96 -3.66 -23.17 -26.79
N GLU B 97 -2.53 -23.50 -26.13
CA GLU B 97 -2.36 -23.35 -24.65
C GLU B 97 -2.10 -21.88 -24.28
N GLN B 98 -1.64 -21.05 -25.23
CA GLN B 98 -1.21 -19.65 -24.97
C GLN B 98 -2.32 -18.65 -25.31
N VAL B 99 -3.42 -19.11 -25.91
CA VAL B 99 -4.44 -18.24 -26.57
C VAL B 99 -5.26 -17.49 -25.51
N HIS B 100 -5.68 -18.16 -24.44
CA HIS B 100 -6.52 -17.55 -23.37
C HIS B 100 -5.79 -16.36 -22.77
N LEU B 101 -4.51 -16.52 -22.43
CA LEU B 101 -3.68 -15.49 -21.75
C LEU B 101 -3.64 -14.22 -22.61
N GLU B 102 -3.45 -14.38 -23.92
CA GLU B 102 -3.42 -13.28 -24.91
C GLU B 102 -4.79 -12.58 -24.91
N ALA B 103 -5.86 -13.36 -25.08
CA ALA B 103 -7.27 -12.91 -25.14
C ALA B 103 -7.66 -12.19 -23.85
N CSD B 104 -7.02 -12.58 -22.74
CA CSD B 104 -7.29 -11.99 -21.43
CB CSD B 104 -6.55 -12.74 -20.31
SG CSD B 104 -7.62 -12.79 -18.85
C CSD B 104 -6.90 -10.51 -21.41
O CSD B 104 -7.48 -9.74 -20.66
OD1 CSD B 104 -6.89 -13.60 -17.84
OD2 CSD B 104 -7.79 -11.31 -18.29
N ARG B 105 -5.90 -10.13 -22.22
CA ARG B 105 -5.51 -8.72 -22.34
C ARG B 105 -6.33 -8.04 -23.44
N TRP B 106 -6.52 -8.70 -24.59
CA TRP B 106 -7.16 -8.14 -25.81
C TRP B 106 -8.61 -7.73 -25.53
N GLU B 107 -9.29 -8.44 -24.63
CA GLU B 107 -10.72 -8.23 -24.27
C GLU B 107 -10.94 -6.80 -23.74
N HIS B 108 -9.88 -6.10 -23.31
CA HIS B 108 -9.97 -4.77 -22.65
C HIS B 108 -9.75 -3.63 -23.65
N VAL B 109 -9.24 -3.91 -24.85
CA VAL B 109 -8.80 -2.87 -25.83
C VAL B 109 -9.57 -2.97 -27.16
N MET B 110 -10.43 -3.99 -27.35
CA MET B 110 -11.14 -4.24 -28.64
C MET B 110 -12.41 -3.39 -28.70
N SER B 111 -12.60 -2.67 -29.81
CA SER B 111 -13.81 -1.87 -30.12
C SER B 111 -14.91 -2.80 -30.65
N GLU B 112 -16.18 -2.38 -30.54
CA GLU B 112 -17.35 -3.08 -31.14
C GLU B 112 -17.20 -3.09 -32.67
N ALA B 113 -16.63 -2.02 -33.24
CA ALA B 113 -16.34 -1.88 -34.67
C ALA B 113 -15.54 -3.09 -35.16
N VAL B 114 -14.47 -3.46 -34.43
CA VAL B 114 -13.56 -4.60 -34.77
C VAL B 114 -14.32 -5.91 -34.55
N GLU B 115 -15.14 -6.00 -33.49
CA GLU B 115 -15.95 -7.20 -33.17
C GLU B 115 -16.81 -7.57 -34.38
N ARG B 116 -17.49 -6.58 -34.98
CA ARG B 116 -18.38 -6.77 -36.16
C ARG B 116 -17.57 -7.31 -37.34
N LYS B 117 -16.39 -6.73 -37.62
CA LYS B 117 -15.47 -7.17 -38.70
C LYS B 117 -15.02 -8.62 -38.43
N LEU B 118 -14.77 -8.97 -37.17
CA LEU B 118 -14.29 -10.32 -36.77
C LEU B 118 -15.41 -11.36 -36.96
N VAL B 119 -16.65 -11.02 -36.62
CA VAL B 119 -17.84 -11.89 -36.81
C VAL B 119 -17.92 -12.33 -38.29
N LYS B 120 -17.73 -11.39 -39.23
CA LYS B 120 -17.82 -11.65 -40.69
C LYS B 120 -16.60 -12.47 -41.16
N LEU B 121 -15.40 -12.13 -40.67
CA LEU B 121 -14.13 -12.83 -41.03
C LEU B 121 -14.18 -14.28 -40.54
N LEU B 122 -14.78 -14.53 -39.37
CA LEU B 122 -14.76 -15.85 -38.68
C LEU B 122 -16.05 -16.63 -38.96
N GLY B 123 -17.00 -16.04 -39.69
CA GLY B 123 -18.22 -16.71 -40.19
C GLY B 123 -19.26 -16.93 -39.10
N ASN B 124 -19.50 -15.91 -38.28
CA ASN B 124 -20.51 -15.91 -37.18
C ASN B 124 -20.24 -17.06 -36.21
N PRO B 125 -19.08 -17.04 -35.50
CA PRO B 125 -18.79 -18.08 -34.52
C PRO B 125 -19.73 -17.97 -33.30
N THR B 126 -20.18 -19.13 -32.78
CA THR B 126 -21.11 -19.23 -31.63
C THR B 126 -20.39 -19.75 -30.39
N THR B 127 -19.19 -20.33 -30.54
CA THR B 127 -18.39 -20.92 -29.42
C THR B 127 -16.92 -20.52 -29.57
N SER B 128 -16.21 -20.44 -28.43
CA SER B 128 -14.75 -20.21 -28.34
C SER B 128 -14.02 -21.49 -28.76
N PRO B 129 -12.68 -21.46 -28.96
CA PRO B 129 -11.91 -22.68 -29.22
C PRO B 129 -11.95 -23.72 -28.09
N TYR B 130 -12.46 -23.33 -26.92
CA TYR B 130 -12.57 -24.19 -25.71
C TYR B 130 -14.03 -24.59 -25.47
N GLY B 131 -14.91 -24.34 -26.46
CA GLY B 131 -16.31 -24.83 -26.49
C GLY B 131 -17.26 -23.94 -25.70
N ASN B 132 -16.83 -22.74 -25.29
CA ASN B 132 -17.64 -21.82 -24.45
C ASN B 132 -18.51 -20.95 -25.35
N PRO B 133 -19.84 -20.88 -25.10
CA PRO B 133 -20.74 -20.07 -25.91
C PRO B 133 -20.36 -18.58 -25.88
N ILE B 134 -20.36 -17.92 -27.05
CA ILE B 134 -20.06 -16.47 -27.20
C ILE B 134 -21.36 -15.71 -27.00
N PRO B 135 -21.49 -14.91 -25.90
CA PRO B 135 -22.73 -14.20 -25.61
C PRO B 135 -22.80 -12.79 -26.22
N GLY B 136 -23.96 -12.15 -26.12
CA GLY B 136 -24.20 -10.74 -26.51
C GLY B 136 -23.99 -10.49 -28.01
N LEU B 137 -24.17 -11.51 -28.84
CA LEU B 137 -24.03 -11.40 -30.32
C LEU B 137 -25.23 -10.63 -30.91
N ASP B 138 -26.33 -10.52 -30.17
CA ASP B 138 -27.55 -9.75 -30.55
C ASP B 138 -27.22 -8.26 -30.66
N GLU B 139 -26.40 -7.74 -29.73
CA GLU B 139 -25.96 -6.32 -29.71
C GLU B 139 -24.99 -6.02 -30.86
N LEU B 140 -24.44 -7.07 -31.49
CA LEU B 140 -23.37 -6.97 -32.53
C LEU B 140 -23.94 -7.25 -33.93
N GLY B 141 -25.27 -7.43 -34.04
CA GLY B 141 -26.00 -7.50 -35.32
C GLY B 141 -25.99 -8.89 -35.95
N VAL B 142 -26.09 -9.94 -35.14
CA VAL B 142 -26.24 -11.35 -35.60
C VAL B 142 -27.62 -11.87 -35.18
N PRO B 148 -28.85 -24.10 -28.92
CA PRO B 148 -28.40 -25.25 -28.13
C PRO B 148 -28.83 -25.15 -26.66
N VAL B 149 -29.63 -26.11 -26.20
CA VAL B 149 -30.20 -26.16 -24.81
C VAL B 149 -29.05 -26.37 -23.80
N ASP B 150 -28.16 -27.35 -24.09
CA ASP B 150 -26.98 -27.69 -23.26
C ASP B 150 -27.39 -27.85 -21.79
N THR B 151 -28.53 -28.50 -21.55
CA THR B 151 -29.00 -28.95 -20.20
C THR B 151 -28.51 -30.37 -19.94
N ASP B 152 -28.14 -31.09 -21.00
CA ASP B 152 -27.66 -32.50 -20.96
C ASP B 152 -26.17 -32.55 -20.58
N LEU B 153 -25.49 -31.40 -20.59
CA LEU B 153 -24.06 -31.28 -20.18
C LEU B 153 -23.94 -31.45 -18.66
N ARG B 154 -22.99 -32.27 -18.21
CA ARG B 154 -22.72 -32.56 -16.77
C ARG B 154 -21.21 -32.44 -16.51
N ARG B 155 -20.84 -32.13 -15.27
CA ARG B 155 -19.45 -31.83 -14.84
C ARG B 155 -18.71 -33.15 -14.60
N VAL B 156 -17.45 -33.24 -15.04
CA VAL B 156 -16.61 -34.48 -15.01
C VAL B 156 -16.57 -35.04 -13.58
N ASP B 157 -16.52 -34.17 -12.56
CA ASP B 157 -16.48 -34.55 -11.12
C ASP B 157 -17.81 -35.21 -10.74
N GLU B 158 -18.94 -34.62 -11.16
CA GLU B 158 -20.32 -35.09 -10.84
C GLU B 158 -20.60 -36.42 -11.55
N VAL B 159 -19.95 -36.66 -12.71
CA VAL B 159 -20.04 -37.92 -13.49
C VAL B 159 -19.25 -39.02 -12.75
N ALA B 160 -18.04 -38.70 -12.27
CA ALA B 160 -17.12 -39.63 -11.59
C ALA B 160 -17.74 -40.14 -10.29
N ARG B 161 -18.32 -39.24 -9.49
CA ARG B 161 -18.97 -39.55 -8.17
C ARG B 161 -20.23 -40.39 -8.39
N SER B 162 -20.93 -40.17 -9.51
CA SER B 162 -22.24 -40.81 -9.85
C SER B 162 -22.03 -42.16 -10.54
N GLY B 163 -20.79 -42.55 -10.84
CA GLY B 163 -20.44 -43.87 -11.40
C GLY B 163 -19.29 -43.81 -12.39
N GLY B 164 -19.19 -42.72 -13.15
CA GLY B 164 -18.16 -42.53 -14.21
C GLY B 164 -18.72 -42.91 -15.58
N GLY B 165 -17.87 -43.49 -16.44
CA GLY B 165 -18.23 -43.94 -17.80
C GLY B 165 -17.62 -43.07 -18.88
N ARG B 166 -17.99 -43.33 -20.14
CA ARG B 166 -17.47 -42.62 -21.35
C ARG B 166 -18.31 -41.36 -21.59
N ALA B 167 -17.68 -40.30 -22.10
CA ALA B 167 -18.32 -38.98 -22.36
C ALA B 167 -17.50 -38.18 -23.38
N LEU B 168 -18.17 -37.28 -24.11
CA LEU B 168 -17.57 -36.35 -25.10
C LEU B 168 -17.24 -35.02 -24.40
N VAL B 169 -15.99 -34.56 -24.50
CA VAL B 169 -15.53 -33.26 -23.94
C VAL B 169 -16.17 -32.13 -24.75
N CYS B 170 -16.86 -31.20 -24.08
CA CYS B 170 -17.66 -30.11 -24.71
C CYS B 170 -17.05 -28.74 -24.34
N ARG B 171 -16.91 -28.43 -23.05
CA ARG B 171 -16.44 -27.11 -22.56
C ARG B 171 -15.26 -27.27 -21.59
N ILE B 172 -14.25 -26.41 -21.73
CA ILE B 172 -13.19 -26.15 -20.71
C ILE B 172 -13.37 -24.70 -20.24
N ALA B 173 -13.68 -24.51 -18.95
CA ALA B 173 -13.98 -23.19 -18.34
C ALA B 173 -12.74 -22.29 -18.37
N GLU B 174 -12.95 -20.97 -18.28
CA GLU B 174 -11.88 -19.94 -18.36
C GLU B 174 -10.85 -20.21 -17.25
N HIS B 175 -11.33 -20.55 -16.04
CA HIS B 175 -10.51 -20.88 -14.83
C HIS B 175 -9.38 -21.86 -15.19
N VAL B 176 -9.67 -22.87 -16.01
CA VAL B 176 -8.72 -23.96 -16.39
C VAL B 176 -7.68 -23.42 -17.38
N GLN B 177 -8.06 -22.47 -18.24
CA GLN B 177 -7.24 -21.99 -19.38
C GLN B 177 -6.05 -21.17 -18.87
N LEU B 178 -6.10 -20.68 -17.63
CA LEU B 178 -5.06 -19.79 -17.02
C LEU B 178 -3.73 -20.54 -16.83
N ASP B 179 -3.77 -21.87 -16.74
CA ASP B 179 -2.58 -22.73 -16.55
C ASP B 179 -2.15 -23.29 -17.91
N PRO B 180 -1.14 -22.71 -18.58
CA PRO B 180 -0.69 -23.20 -19.90
C PRO B 180 -0.07 -24.61 -19.86
N ASP B 181 0.68 -24.94 -18.81
CA ASP B 181 1.35 -26.26 -18.63
C ASP B 181 0.29 -27.36 -18.52
N LEU B 182 -0.82 -27.07 -17.84
CA LEU B 182 -2.00 -27.99 -17.72
C LEU B 182 -2.66 -28.15 -19.10
N MET B 183 -2.89 -27.03 -19.79
CA MET B 183 -3.54 -27.00 -21.13
C MET B 183 -2.66 -27.71 -22.16
N SER B 184 -1.34 -27.69 -21.97
CA SER B 184 -0.33 -28.45 -22.77
C SER B 184 -0.53 -29.95 -22.54
N GLU B 185 -0.79 -30.35 -21.28
CA GLU B 185 -1.01 -31.76 -20.86
C GLU B 185 -2.34 -32.26 -21.45
N LEU B 186 -3.42 -31.51 -21.25
CA LEU B 186 -4.80 -31.86 -21.74
C LEU B 186 -4.77 -32.06 -23.26
N LYS B 187 -4.00 -31.22 -23.98
CA LYS B 187 -3.87 -31.26 -25.46
C LYS B 187 -3.20 -32.58 -25.88
N LYS B 188 -2.13 -32.97 -25.21
CA LYS B 188 -1.29 -34.14 -25.57
C LYS B 188 -2.09 -35.44 -25.39
N VAL B 189 -2.66 -35.66 -24.21
CA VAL B 189 -3.40 -36.90 -23.84
C VAL B 189 -4.77 -36.89 -24.54
N GLY B 190 -5.28 -35.72 -24.91
CA GLY B 190 -6.46 -35.54 -25.78
C GLY B 190 -7.75 -35.31 -25.00
N VAL B 191 -7.68 -34.56 -23.90
CA VAL B 191 -8.87 -34.04 -23.16
C VAL B 191 -9.17 -32.64 -23.70
N VAL B 192 -9.61 -32.57 -24.96
CA VAL B 192 -9.92 -31.31 -25.72
C VAL B 192 -11.35 -31.43 -26.26
N PRO B 193 -12.04 -30.31 -26.54
CA PRO B 193 -13.38 -30.35 -27.14
C PRO B 193 -13.46 -31.29 -28.35
N GLY B 194 -14.52 -32.11 -28.42
CA GLY B 194 -14.82 -32.99 -29.56
C GLY B 194 -14.07 -34.31 -29.49
N ASN B 195 -13.48 -34.65 -28.34
CA ASN B 195 -12.75 -35.93 -28.11
C ASN B 195 -13.44 -36.72 -26.99
N GLU B 196 -13.45 -38.05 -27.12
CA GLU B 196 -14.04 -38.99 -26.13
C GLU B 196 -13.02 -39.25 -25.01
N ILE B 197 -13.49 -39.32 -23.76
CA ILE B 197 -12.68 -39.65 -22.56
C ILE B 197 -13.45 -40.66 -21.70
N ASP B 198 -12.73 -41.45 -20.90
CA ASP B 198 -13.30 -42.41 -19.91
C ASP B 198 -13.01 -41.88 -18.50
N ILE B 199 -14.04 -41.40 -17.81
CA ILE B 199 -13.97 -40.79 -16.45
C ILE B 199 -14.05 -41.91 -15.40
N VAL B 200 -12.94 -42.19 -14.71
CA VAL B 200 -12.83 -43.27 -13.67
C VAL B 200 -13.72 -42.88 -12.47
N ALA B 201 -14.30 -43.88 -11.80
CA ALA B 201 -15.21 -43.72 -10.64
C ALA B 201 -14.42 -43.34 -9.40
N VAL B 202 -14.96 -42.42 -8.59
CA VAL B 202 -14.42 -42.01 -7.26
C VAL B 202 -15.60 -41.93 -6.28
N ALA B 203 -15.31 -41.86 -4.97
CA ALA B 203 -16.30 -41.79 -3.87
C ALA B 203 -16.14 -40.46 -3.13
N GLY B 204 -17.27 -39.87 -2.70
CA GLY B 204 -17.32 -38.59 -1.97
C GLY B 204 -16.91 -37.42 -2.84
N VAL B 205 -16.35 -36.36 -2.22
CA VAL B 205 -15.99 -35.07 -2.89
C VAL B 205 -14.51 -34.76 -2.60
N ASN B 206 -13.98 -33.72 -3.26
CA ASN B 206 -12.59 -33.20 -3.09
C ASN B 206 -11.59 -34.36 -3.26
N LYS B 207 -11.68 -35.09 -4.37
CA LYS B 207 -10.82 -36.25 -4.70
C LYS B 207 -10.37 -36.14 -6.16
N PRO B 208 -9.07 -36.31 -6.48
CA PRO B 208 -8.58 -36.16 -7.85
C PRO B 208 -9.14 -37.21 -8.80
N ILE B 209 -9.90 -36.79 -9.81
CA ILE B 209 -10.55 -37.66 -10.84
C ILE B 209 -9.49 -38.07 -11.87
N GLN B 210 -9.43 -39.36 -12.20
CA GLN B 210 -8.58 -39.94 -13.27
C GLN B 210 -9.41 -39.97 -14.57
N VAL B 211 -8.80 -39.60 -15.70
CA VAL B 211 -9.44 -39.60 -17.05
C VAL B 211 -8.47 -40.22 -18.07
N GLN B 212 -8.99 -41.06 -18.98
CA GLN B 212 -8.22 -41.75 -20.04
C GLN B 212 -8.68 -41.23 -21.40
N GLY B 213 -7.85 -40.41 -22.06
CA GLY B 213 -8.12 -39.82 -23.38
C GLY B 213 -7.63 -40.70 -24.51
N SER B 214 -7.65 -40.18 -25.75
CA SER B 214 -7.31 -40.92 -26.99
C SER B 214 -5.81 -41.28 -27.01
N GLU B 215 -4.96 -40.46 -26.39
CA GLU B 215 -3.47 -40.60 -26.43
C GLU B 215 -2.91 -40.68 -25.01
N GLY B 216 -3.57 -41.44 -24.11
CA GLY B 216 -3.14 -41.65 -22.72
C GLY B 216 -4.13 -41.04 -21.73
N GLY B 217 -3.69 -40.85 -20.47
CA GLY B 217 -4.53 -40.35 -19.37
C GLY B 217 -3.74 -39.49 -18.39
N THR B 218 -4.45 -38.79 -17.50
CA THR B 218 -3.88 -37.87 -16.47
C THR B 218 -4.86 -37.73 -15.30
N GLN B 219 -4.51 -36.90 -14.30
CA GLN B 219 -5.34 -36.63 -13.10
C GLN B 219 -5.81 -35.17 -13.11
N LEU B 220 -7.10 -34.95 -12.87
CA LEU B 220 -7.73 -33.60 -12.74
C LEU B 220 -8.05 -33.34 -11.26
N GLN B 221 -7.71 -32.15 -10.76
CA GLN B 221 -8.04 -31.70 -9.38
C GLN B 221 -9.53 -31.42 -9.29
N PRO B 222 -10.14 -31.41 -8.08
CA PRO B 222 -11.59 -31.26 -7.94
C PRO B 222 -12.16 -29.99 -8.61
N GLY B 223 -11.44 -28.86 -8.51
CA GLY B 223 -11.83 -27.56 -9.10
C GLY B 223 -11.64 -27.53 -10.61
N ILE B 224 -10.72 -28.35 -11.13
CA ILE B 224 -10.45 -28.50 -12.59
C ILE B 224 -11.53 -29.40 -13.20
N ALA B 225 -11.81 -30.54 -12.55
CA ALA B 225 -12.83 -31.54 -12.97
C ALA B 225 -14.23 -30.90 -12.97
N HIS B 226 -14.51 -30.02 -11.99
CA HIS B 226 -15.80 -29.28 -11.87
C HIS B 226 -15.95 -28.28 -13.03
N ALA B 227 -14.83 -27.84 -13.61
CA ALA B 227 -14.76 -26.76 -14.63
C ALA B 227 -14.85 -27.34 -16.06
N VAL B 228 -14.64 -28.65 -16.22
CA VAL B 228 -14.72 -29.36 -17.53
C VAL B 228 -16.12 -30.00 -17.67
N MET B 229 -16.90 -29.58 -18.66
CA MET B 229 -18.26 -30.09 -18.93
C MET B 229 -18.22 -31.10 -20.08
N VAL B 230 -19.01 -32.17 -19.99
CA VAL B 230 -19.02 -33.31 -20.96
C VAL B 230 -20.48 -33.75 -21.20
N ARG B 231 -20.72 -34.44 -22.33
CA ARG B 231 -21.96 -35.18 -22.61
C ARG B 231 -21.65 -36.68 -22.55
N VAL B 232 -22.27 -37.40 -21.60
CA VAL B 232 -22.05 -38.86 -21.38
C VAL B 232 -22.79 -39.63 -22.49
N LYS B 233 -22.17 -40.69 -23.01
CA LYS B 233 -22.76 -41.62 -24.02
C LYS B 233 -24.09 -42.16 -23.48
N ASN C 4 9.08 6.01 10.61
CA ASN C 4 9.04 6.13 12.10
C ASN C 4 7.60 5.91 12.58
N ASP C 5 7.43 5.25 13.73
CA ASP C 5 6.12 4.83 14.29
C ASP C 5 5.52 5.98 15.11
N LEU C 6 4.30 6.41 14.76
CA LEU C 6 3.57 7.53 15.39
C LEU C 6 2.92 7.09 16.71
N ILE C 7 2.75 5.77 16.91
CA ILE C 7 2.10 5.15 18.11
C ILE C 7 0.58 5.36 18.00
N ASP C 8 0.13 6.61 17.89
CA ASP C 8 -1.29 6.98 17.63
C ASP C 8 -1.33 8.03 16.51
N THR C 9 -1.94 7.68 15.38
CA THR C 9 -2.02 8.52 14.15
C THR C 9 -2.88 9.76 14.43
N THR C 10 -4.10 9.56 14.93
CA THR C 10 -5.10 10.62 15.22
C THR C 10 -4.49 11.69 16.13
N GLU C 11 -3.90 11.27 17.27
CA GLU C 11 -3.32 12.19 18.28
C GLU C 11 -2.20 13.03 17.64
N MET C 12 -1.37 12.42 16.78
CA MET C 12 -0.20 13.10 16.16
C MET C 12 -0.69 14.09 15.09
N TYR C 13 -1.74 13.75 14.34
CA TYR C 13 -2.36 14.65 13.34
C TYR C 13 -2.90 15.90 14.06
N LEU C 14 -3.63 15.69 15.18
CA LEU C 14 -4.18 16.78 16.03
C LEU C 14 -3.04 17.65 16.56
N ARG C 15 -1.96 17.03 17.05
CA ARG C 15 -0.83 17.75 17.70
C ARG C 15 -0.01 18.50 16.65
N THR C 16 0.06 17.99 15.41
CA THR C 16 0.76 18.64 14.27
C THR C 16 0.01 19.91 13.86
N ILE C 17 -1.33 19.88 13.91
CA ILE C 17 -2.20 21.06 13.61
C ILE C 17 -1.98 22.12 14.71
N TYR C 18 -1.93 21.69 15.97
CA TYR C 18 -1.68 22.56 17.16
C TYR C 18 -0.32 23.24 17.01
N ASP C 19 0.72 22.45 16.72
CA ASP C 19 2.13 22.92 16.52
C ASP C 19 2.15 24.04 15.46
N LEU C 20 1.46 23.84 14.33
CA LEU C 20 1.43 24.79 13.18
C LEU C 20 0.76 26.09 13.62
N GLU C 21 -0.35 26.01 14.36
CA GLU C 21 -1.09 27.18 14.92
C GLU C 21 -0.16 27.97 15.86
N GLU C 22 0.61 27.27 16.70
CA GLU C 22 1.56 27.88 17.68
C GLU C 22 2.71 28.59 16.94
N GLU C 23 3.14 28.06 15.79
CA GLU C 23 4.25 28.63 14.97
C GLU C 23 3.72 29.71 14.03
N GLY C 24 2.40 29.92 13.99
CA GLY C 24 1.74 30.92 13.13
C GLY C 24 1.81 30.53 11.66
N VAL C 25 1.69 29.23 11.37
CA VAL C 25 1.67 28.66 9.99
C VAL C 25 0.28 28.09 9.74
N VAL C 26 -0.25 28.28 8.52
CA VAL C 26 -1.61 27.81 8.11
C VAL C 26 -1.60 26.29 8.10
N PRO C 27 -2.48 25.62 8.88
CA PRO C 27 -2.51 24.17 8.94
C PRO C 27 -3.16 23.53 7.71
N LEU C 28 -2.36 23.26 6.68
CA LEU C 28 -2.76 22.52 5.45
C LEU C 28 -2.28 21.07 5.55
N ARG C 29 -2.96 20.15 4.85
CA ARG C 29 -2.60 18.71 4.79
C ARG C 29 -1.17 18.54 4.26
N ALA C 30 -0.73 19.42 3.36
CA ALA C 30 0.65 19.46 2.81
C ALA C 30 1.68 19.61 3.94
N ARG C 31 1.34 20.34 5.01
CA ARG C 31 2.20 20.54 6.20
C ARG C 31 2.33 19.21 6.95
N ILE C 32 1.22 18.51 7.17
CA ILE C 32 1.17 17.21 7.90
C ILE C 32 2.00 16.18 7.12
N ALA C 33 1.91 16.20 5.79
CA ALA C 33 2.64 15.28 4.87
C ALA C 33 4.15 15.43 5.04
N GLU C 34 4.67 16.67 4.98
CA GLU C 34 6.13 16.94 5.02
C GLU C 34 6.67 16.74 6.44
N ARG C 35 5.84 16.86 7.48
CA ARG C 35 6.27 16.83 8.91
C ARG C 35 6.24 15.40 9.46
N LEU C 36 5.15 14.67 9.22
CA LEU C 36 5.01 13.25 9.67
C LEU C 36 5.54 12.30 8.58
N GLU C 37 6.02 12.84 7.46
CA GLU C 37 6.68 12.10 6.35
C GLU C 37 5.74 11.00 5.84
N GLN C 38 4.53 11.39 5.43
CA GLN C 38 3.50 10.50 4.83
C GLN C 38 3.07 11.07 3.48
N SER C 39 2.50 10.24 2.62
CA SER C 39 2.08 10.60 1.23
C SER C 39 0.86 11.53 1.29
N GLY C 40 0.67 12.35 0.26
CA GLY C 40 -0.51 13.23 0.09
C GLY C 40 -1.81 12.42 0.24
N PRO C 41 -1.98 11.34 -0.55
CA PRO C 41 -3.16 10.47 -0.43
C PRO C 41 -3.40 9.88 0.96
N THR C 42 -2.34 9.51 1.69
CA THR C 42 -2.42 8.95 3.07
C THR C 42 -3.04 10.01 4.00
N VAL C 43 -2.56 11.25 3.92
CA VAL C 43 -2.94 12.37 4.84
C VAL C 43 -4.41 12.71 4.62
N SER C 44 -4.82 12.91 3.36
CA SER C 44 -6.21 13.26 2.97
C SER C 44 -7.19 12.21 3.51
N GLN C 45 -6.85 10.92 3.36
CA GLN C 45 -7.68 9.76 3.81
C GLN C 45 -7.80 9.77 5.34
N THR C 46 -6.68 10.01 6.05
CA THR C 46 -6.64 10.03 7.54
C THR C 46 -7.42 11.24 8.06
N VAL C 47 -7.30 12.39 7.39
CA VAL C 47 -8.04 13.64 7.74
C VAL C 47 -9.55 13.41 7.53
N ALA C 48 -9.93 12.62 6.52
CA ALA C 48 -11.32 12.28 6.18
C ALA C 48 -11.96 11.44 7.30
N ARG C 49 -11.19 10.53 7.91
CA ARG C 49 -11.64 9.69 9.06
C ARG C 49 -11.84 10.57 10.29
N MET C 50 -10.95 11.55 10.50
CA MET C 50 -11.00 12.48 11.66
C MET C 50 -12.14 13.48 11.47
N GLU C 51 -12.41 13.89 10.23
CA GLU C 51 -13.56 14.75 9.85
C GLU C 51 -14.87 13.96 10.11
N ARG C 52 -14.90 12.69 9.68
CA ARG C 52 -16.03 11.75 9.88
C ARG C 52 -16.31 11.58 11.38
N ASP C 53 -15.26 11.38 12.18
CA ASP C 53 -15.37 11.16 13.66
C ASP C 53 -15.69 12.49 14.36
N GLY C 54 -15.39 13.63 13.74
CA GLY C 54 -15.78 14.96 14.21
C GLY C 54 -14.72 15.59 15.10
N LEU C 55 -13.46 15.53 14.68
CA LEU C 55 -12.28 16.11 15.41
C LEU C 55 -11.72 17.32 14.65
N LEU C 56 -12.16 17.54 13.41
CA LEU C 56 -11.77 18.73 12.60
C LEU C 56 -12.69 18.87 11.38
N THR C 57 -12.53 19.96 10.63
CA THR C 57 -13.23 20.25 9.35
C THR C 57 -12.25 20.93 8.38
N VAL C 58 -12.39 20.66 7.09
CA VAL C 58 -11.58 21.28 6.00
C VAL C 58 -12.35 22.50 5.47
N ALA C 59 -11.77 23.69 5.61
CA ALA C 59 -12.35 24.98 5.14
C ALA C 59 -12.38 25.00 3.61
N GLU C 60 -12.93 26.07 3.03
CA GLU C 60 -13.01 26.26 1.55
C GLU C 60 -11.61 26.58 0.99
N ASP C 61 -10.74 27.19 1.80
CA ASP C 61 -9.32 27.51 1.44
C ASP C 61 -8.40 26.35 1.85
N ARG C 62 -8.99 25.20 2.21
CA ARG C 62 -8.32 23.88 2.44
C ARG C 62 -7.66 23.81 3.83
N HIS C 63 -7.64 24.91 4.59
CA HIS C 63 -6.98 24.99 5.93
C HIS C 63 -7.80 24.16 6.93
N LEU C 64 -7.13 23.40 7.80
CA LEU C 64 -7.75 22.46 8.77
C LEU C 64 -8.17 23.24 10.02
N GLU C 65 -9.41 23.04 10.47
CA GLU C 65 -10.01 23.70 11.66
C GLU C 65 -10.42 22.61 12.66
N LEU C 66 -9.88 22.65 13.88
CA LEU C 66 -10.21 21.72 14.99
C LEU C 66 -11.63 22.03 15.50
N THR C 67 -12.43 21.00 15.79
CA THR C 67 -13.74 21.10 16.49
C THR C 67 -13.47 21.30 17.98
N LYS C 68 -14.52 21.42 18.80
CA LYS C 68 -14.42 21.53 20.28
C LYS C 68 -13.74 20.28 20.83
N ALA C 69 -14.17 19.10 20.37
CA ALA C 69 -13.62 17.77 20.74
C ALA C 69 -12.17 17.66 20.28
N GLY C 70 -11.88 18.13 19.06
CA GLY C 70 -10.53 18.11 18.45
C GLY C 70 -9.53 18.93 19.24
N ARG C 71 -9.89 20.17 19.56
CA ARG C 71 -9.05 21.12 20.34
C ARG C 71 -8.81 20.55 21.74
N ALA C 72 -9.86 20.03 22.38
CA ALA C 72 -9.82 19.41 23.73
C ALA C 72 -8.82 18.24 23.72
N ARG C 73 -8.85 17.42 22.67
CA ARG C 73 -7.99 16.22 22.51
C ARG C 73 -6.56 16.65 22.21
N ALA C 74 -6.36 17.65 21.35
CA ALA C 74 -5.03 18.18 20.96
C ALA C 74 -4.32 18.74 22.20
N ILE C 75 -5.02 19.56 23.00
CA ILE C 75 -4.50 20.18 24.25
C ILE C 75 -4.13 19.06 25.24
N SER C 76 -5.00 18.05 25.38
CA SER C 76 -4.79 16.87 26.25
C SER C 76 -3.45 16.19 25.91
N VAL C 77 -3.19 15.93 24.63
CA VAL C 77 -1.94 15.26 24.13
C VAL C 77 -0.74 16.18 24.40
N MET C 78 -0.87 17.48 24.13
CA MET C 78 0.23 18.48 24.29
C MET C 78 0.57 18.64 25.78
N ARG C 79 -0.44 18.63 26.66
CA ARG C 79 -0.27 18.71 28.13
C ARG C 79 0.59 17.52 28.59
N LYS C 80 0.22 16.31 28.17
CA LYS C 80 0.94 15.04 28.48
C LYS C 80 2.39 15.13 27.98
N HIS C 81 2.58 15.66 26.77
CA HIS C 81 3.91 15.82 26.11
C HIS C 81 4.84 16.64 27.01
N ARG C 82 4.40 17.84 27.40
CA ARG C 82 5.25 18.86 28.06
C ARG C 82 5.41 18.52 29.55
N LEU C 83 4.45 17.80 30.15
CA LEU C 83 4.59 17.25 31.53
C LEU C 83 5.61 16.10 31.52
N ALA C 84 5.60 15.26 30.47
CA ALA C 84 6.57 14.16 30.26
C ALA C 84 7.98 14.75 30.12
N GLU C 85 8.13 15.81 29.31
CA GLU C 85 9.43 16.50 29.08
C GLU C 85 9.97 17.03 30.41
N ARG C 86 9.11 17.62 31.24
CA ARG C 86 9.47 18.15 32.59
C ARG C 86 10.00 16.99 33.44
N LEU C 87 9.25 15.90 33.55
CA LEU C 87 9.62 14.67 34.32
C LEU C 87 10.98 14.17 33.84
N LEU C 88 11.18 14.07 32.52
CA LEU C 88 12.41 13.50 31.90
C LEU C 88 13.63 14.36 32.24
N VAL C 89 13.47 15.69 32.24
CA VAL C 89 14.57 16.67 32.50
C VAL C 89 14.80 16.77 34.02
N ASP C 90 13.76 17.08 34.79
CA ASP C 90 13.84 17.52 36.20
C ASP C 90 14.11 16.33 37.14
N VAL C 91 13.55 15.15 36.85
CA VAL C 91 13.51 13.99 37.79
C VAL C 91 14.38 12.85 37.26
N ILE C 92 14.12 12.37 36.04
CA ILE C 92 14.81 11.19 35.44
C ILE C 92 16.22 11.60 35.00
N GLY C 93 16.37 12.82 34.45
CA GLY C 93 17.66 13.39 34.05
C GLY C 93 18.12 12.88 32.70
N LEU C 94 17.18 12.65 31.77
CA LEU C 94 17.47 12.29 30.36
C LEU C 94 18.04 13.52 29.66
N GLU C 95 19.06 13.33 28.82
CA GLU C 95 19.83 14.41 28.14
C GLU C 95 18.88 15.33 27.38
N TRP C 96 19.13 16.64 27.43
CA TRP C 96 18.24 17.73 26.94
C TRP C 96 17.80 17.48 25.48
N GLU C 97 18.69 16.99 24.63
CA GLU C 97 18.46 16.85 23.17
C GLU C 97 17.53 15.66 22.86
N GLN C 98 17.48 14.65 23.74
CA GLN C 98 16.77 13.37 23.51
C GLN C 98 15.35 13.40 24.11
N VAL C 99 15.03 14.43 24.92
CA VAL C 99 13.80 14.46 25.78
C VAL C 99 12.54 14.53 24.91
N HIS C 100 12.52 15.38 23.89
CA HIS C 100 11.34 15.57 23.00
C HIS C 100 10.95 14.23 22.37
N LEU C 101 11.92 13.54 21.76
CA LEU C 101 11.73 12.24 21.07
C LEU C 101 11.00 11.27 22.01
N GLU C 102 11.48 11.15 23.24
CA GLU C 102 10.91 10.26 24.29
C GLU C 102 9.47 10.69 24.58
N ALA C 103 9.27 11.98 24.88
CA ALA C 103 7.96 12.60 25.21
C ALA C 103 6.98 12.43 24.05
N CSD C 104 7.51 12.36 22.83
CA CSD C 104 6.70 12.21 21.63
CB CSD C 104 7.55 12.36 20.36
SG CSD C 104 6.55 13.16 19.07
C CSD C 104 5.96 10.88 21.62
O CSD C 104 4.90 10.77 21.01
OD1 CSD C 104 7.41 13.21 17.86
OD2 CSD C 104 5.30 12.22 18.74
N ARG C 105 6.52 9.85 22.29
CA ARG C 105 5.88 8.56 22.42
C ARG C 105 5.02 8.51 23.69
N TRP C 106 5.51 9.10 24.79
CA TRP C 106 4.89 9.03 26.15
C TRP C 106 3.52 9.74 26.15
N GLU C 107 3.37 10.81 25.35
CA GLU C 107 2.14 11.63 25.27
C GLU C 107 0.93 10.76 24.90
N HIS C 108 1.14 9.58 24.32
CA HIS C 108 0.08 8.70 23.77
C HIS C 108 -0.38 7.67 24.80
N VAL C 109 0.39 7.42 25.87
CA VAL C 109 0.15 6.31 26.83
C VAL C 109 -0.18 6.84 28.24
N MET C 110 0.10 8.11 28.54
CA MET C 110 -0.07 8.69 29.90
C MET C 110 -1.56 8.91 30.19
N SER C 111 -2.02 8.48 31.37
CA SER C 111 -3.40 8.70 31.89
C SER C 111 -3.48 10.08 32.54
N GLU C 112 -4.70 10.63 32.67
CA GLU C 112 -4.99 11.88 33.42
C GLU C 112 -4.59 11.70 34.89
N ALA C 113 -4.77 10.48 35.43
CA ALA C 113 -4.40 10.10 36.82
C ALA C 113 -2.93 10.44 37.07
N VAL C 114 -2.04 10.00 36.18
CA VAL C 114 -0.56 10.21 36.30
C VAL C 114 -0.24 11.69 36.11
N GLU C 115 -0.93 12.36 35.18
CA GLU C 115 -0.74 13.81 34.91
C GLU C 115 -0.89 14.59 36.22
N ARG C 116 -1.93 14.30 37.00
CA ARG C 116 -2.24 14.98 38.29
C ARG C 116 -1.10 14.74 39.29
N LYS C 117 -0.60 13.51 39.38
CA LYS C 117 0.54 13.14 40.27
C LYS C 117 1.81 13.88 39.82
N LEU C 118 2.00 14.09 38.52
CA LEU C 118 3.18 14.78 37.95
C LEU C 118 3.11 16.29 38.26
N VAL C 119 1.91 16.90 38.15
CA VAL C 119 1.68 18.33 38.49
C VAL C 119 2.16 18.59 39.92
N LYS C 120 1.85 17.68 40.86
CA LYS C 120 2.22 17.82 42.30
C LYS C 120 3.72 17.56 42.48
N LEU C 121 4.27 16.54 41.82
CA LEU C 121 5.71 16.16 41.94
C LEU C 121 6.60 17.28 41.38
N LEU C 122 6.15 17.96 40.33
CA LEU C 122 6.96 18.95 39.55
C LEU C 122 6.63 20.39 39.99
N GLY C 123 5.71 20.57 40.94
CA GLY C 123 5.40 21.87 41.58
C GLY C 123 4.61 22.79 40.68
N ASN C 124 3.59 22.24 39.98
CA ASN C 124 2.65 22.98 39.09
C ASN C 124 3.44 23.70 38.00
N PRO C 125 4.16 22.97 37.12
CA PRO C 125 4.94 23.61 36.05
C PRO C 125 4.01 24.22 35.00
N THR C 126 4.38 25.40 34.48
CA THR C 126 3.58 26.19 33.49
C THR C 126 4.23 26.12 32.10
N THR C 127 5.51 25.76 32.01
CA THR C 127 6.29 25.70 30.73
C THR C 127 7.09 24.40 30.65
N SER C 128 7.32 23.91 29.43
CA SER C 128 8.20 22.76 29.11
C SER C 128 9.66 23.18 29.30
N PRO C 129 10.63 22.25 29.27
CA PRO C 129 12.05 22.62 29.31
C PRO C 129 12.51 23.46 28.10
N TYR C 130 11.64 23.64 27.09
CA TYR C 130 11.92 24.41 25.85
C TYR C 130 11.10 25.70 25.84
N GLY C 131 10.51 26.07 27.00
CA GLY C 131 9.84 27.36 27.22
C GLY C 131 8.41 27.41 26.69
N ASN C 132 7.87 26.28 26.26
CA ASN C 132 6.52 26.21 25.63
C ASN C 132 5.46 26.10 26.73
N PRO C 133 4.44 26.98 26.75
CA PRO C 133 3.38 26.93 27.76
C PRO C 133 2.65 25.58 27.76
N ILE C 134 2.40 25.03 28.96
CA ILE C 134 1.65 23.76 29.16
C ILE C 134 0.16 24.11 29.24
N PRO C 135 -0.65 23.75 28.22
CA PRO C 135 -2.07 24.11 28.21
C PRO C 135 -2.99 23.09 28.90
N GLY C 136 -4.28 23.44 29.03
CA GLY C 136 -5.36 22.56 29.52
C GLY C 136 -5.14 22.08 30.96
N LEU C 137 -4.44 22.86 31.78
CA LEU C 137 -4.19 22.54 33.22
C LEU C 137 -5.49 22.74 34.02
N ASP C 138 -6.46 23.48 33.47
CA ASP C 138 -7.79 23.76 34.10
C ASP C 138 -8.55 22.44 34.33
N GLU C 139 -8.51 21.51 33.37
CA GLU C 139 -9.22 20.21 33.44
C GLU C 139 -8.41 19.20 34.28
N LEU C 140 -7.22 19.59 34.74
CA LEU C 140 -6.31 18.76 35.56
C LEU C 140 -6.26 19.28 37.01
N GLY C 141 -7.15 20.21 37.36
CA GLY C 141 -7.32 20.74 38.73
C GLY C 141 -6.17 21.66 39.13
N VAL C 142 -6.02 22.80 38.44
CA VAL C 142 -5.03 23.87 38.76
C VAL C 142 -5.72 25.23 38.57
N PRO C 148 1.20 34.52 31.45
CA PRO C 148 1.99 35.59 30.84
C PRO C 148 1.35 36.10 29.54
N VAL C 149 1.68 37.34 29.14
CA VAL C 149 1.06 38.06 28.00
C VAL C 149 1.45 37.38 26.67
N ASP C 150 2.75 37.12 26.47
CA ASP C 150 3.32 36.43 25.28
C ASP C 150 3.14 37.27 24.01
N THR C 151 2.78 38.55 24.16
CA THR C 151 2.57 39.52 23.04
C THR C 151 3.92 40.12 22.63
N ASP C 152 4.80 40.36 23.61
CA ASP C 152 6.13 41.02 23.43
C ASP C 152 7.11 40.09 22.72
N LEU C 153 6.80 38.79 22.61
CA LEU C 153 7.67 37.77 21.97
C LEU C 153 7.62 37.94 20.44
N ARG C 154 8.79 37.89 19.79
CA ARG C 154 8.96 38.03 18.33
C ARG C 154 9.88 36.90 17.81
N ARG C 155 9.72 36.52 16.54
CA ARG C 155 10.43 35.39 15.89
C ARG C 155 11.81 35.84 15.42
N VAL C 156 12.85 35.03 15.66
CA VAL C 156 14.28 35.34 15.38
C VAL C 156 14.43 35.85 13.94
N ASP C 157 13.72 35.24 12.98
CA ASP C 157 13.78 35.59 11.54
C ASP C 157 13.23 37.01 11.34
N GLU C 158 12.09 37.33 11.96
CA GLU C 158 11.37 38.62 11.82
C GLU C 158 12.21 39.75 12.46
N VAL C 159 12.95 39.44 13.53
CA VAL C 159 13.88 40.37 14.23
C VAL C 159 15.07 40.66 13.30
N ALA C 160 15.64 39.64 12.67
CA ALA C 160 16.81 39.71 11.77
C ALA C 160 16.49 40.58 10.55
N ARG C 161 15.33 40.35 9.92
CA ARG C 161 14.85 41.10 8.73
C ARG C 161 14.57 42.57 9.11
N SER C 162 14.15 42.82 10.36
CA SER C 162 13.74 44.15 10.88
C SER C 162 14.94 44.95 11.41
N GLY C 163 16.13 44.34 11.46
CA GLY C 163 17.38 45.03 11.86
C GLY C 163 18.31 44.17 12.69
N GLY C 164 17.76 43.19 13.44
CA GLY C 164 18.54 42.31 14.33
C GLY C 164 18.74 42.94 15.70
N GLY C 165 19.88 42.64 16.34
CA GLY C 165 20.26 43.16 17.66
C GLY C 165 20.36 42.04 18.70
N ARG C 166 20.25 42.39 19.99
CA ARG C 166 20.32 41.45 21.14
C ARG C 166 18.90 41.09 21.61
N ALA C 167 18.71 39.86 22.08
CA ALA C 167 17.40 39.33 22.54
C ALA C 167 17.62 38.11 23.46
N LEU C 168 16.65 37.85 24.34
CA LEU C 168 16.63 36.70 25.29
C LEU C 168 15.83 35.55 24.66
N VAL C 169 16.41 34.35 24.62
CA VAL C 169 15.76 33.12 24.09
C VAL C 169 14.66 32.72 25.08
N CYS C 170 13.43 32.53 24.59
CA CYS C 170 12.21 32.24 25.41
C CYS C 170 11.61 30.88 25.04
N ARG C 171 11.37 30.63 23.75
CA ARG C 171 10.69 29.39 23.26
C ARG C 171 11.46 28.78 22.09
N ILE C 172 11.54 27.43 22.08
CA ILE C 172 11.96 26.60 20.90
C ILE C 172 10.78 25.68 20.57
N ALA C 173 10.20 25.83 19.37
CA ALA C 173 8.97 25.11 18.92
C ALA C 173 9.25 23.60 18.84
N GLU C 174 8.18 22.80 18.88
CA GLU C 174 8.25 21.31 18.83
C GLU C 174 8.99 20.88 17.55
N HIS C 175 8.70 21.56 16.43
CA HIS C 175 9.32 21.33 15.09
C HIS C 175 10.84 21.21 15.21
N VAL C 176 11.48 22.13 15.95
CA VAL C 176 12.96 22.25 16.07
C VAL C 176 13.50 21.07 16.91
N GLN C 177 12.72 20.58 17.87
CA GLN C 177 13.15 19.59 18.89
C GLN C 177 13.34 18.21 18.27
N LEU C 178 12.78 17.98 17.08
CA LEU C 178 12.81 16.66 16.37
C LEU C 178 14.24 16.27 15.98
N ASP C 179 15.12 17.26 15.74
CA ASP C 179 16.53 17.05 15.32
C ASP C 179 17.43 17.08 16.57
N PRO C 180 17.85 15.91 17.11
CA PRO C 180 18.74 15.88 18.28
C PRO C 180 20.14 16.45 18.03
N ASP C 181 20.65 16.33 16.80
CA ASP C 181 21.98 16.84 16.39
C ASP C 181 21.99 18.38 16.44
N LEU C 182 20.89 19.02 16.01
CA LEU C 182 20.70 20.49 16.04
C LEU C 182 20.58 20.95 17.50
N MET C 183 19.76 20.27 18.30
CA MET C 183 19.50 20.60 19.73
C MET C 183 20.81 20.45 20.53
N SER C 184 21.68 19.52 20.14
CA SER C 184 23.05 19.35 20.70
C SER C 184 23.90 20.59 20.38
N GLU C 185 23.78 21.13 19.16
CA GLU C 185 24.50 22.33 18.68
C GLU C 185 24.00 23.56 19.45
N LEU C 186 22.68 23.73 19.56
CA LEU C 186 22.02 24.87 20.26
C LEU C 186 22.48 24.91 21.73
N LYS C 187 22.61 23.75 22.37
CA LYS C 187 23.06 23.60 23.78
C LYS C 187 24.54 24.00 23.89
N LYS C 188 25.36 23.57 22.94
CA LYS C 188 26.84 23.78 22.92
C LYS C 188 27.14 25.29 22.91
N VAL C 189 26.60 26.01 21.92
CA VAL C 189 26.88 27.46 21.68
C VAL C 189 26.03 28.31 22.62
N GLY C 190 24.89 27.80 23.07
CA GLY C 190 24.05 28.39 24.13
C GLY C 190 22.86 29.19 23.59
N VAL C 191 22.18 28.66 22.58
CA VAL C 191 20.84 29.16 22.11
C VAL C 191 19.77 28.31 22.82
N VAL C 192 19.67 28.50 24.14
CA VAL C 192 18.73 27.77 25.05
C VAL C 192 17.89 28.79 25.79
N PRO C 193 16.65 28.45 26.23
CA PRO C 193 15.84 29.36 27.03
C PRO C 193 16.63 30.00 28.19
N GLY C 194 16.46 31.32 28.38
CA GLY C 194 17.04 32.08 29.50
C GLY C 194 18.46 32.56 29.21
N ASN C 195 18.94 32.40 27.97
CA ASN C 195 20.29 32.88 27.53
C ASN C 195 20.11 34.00 26.49
N GLU C 196 20.98 35.00 26.55
CA GLU C 196 21.02 36.15 25.60
C GLU C 196 21.77 35.73 24.34
N ILE C 197 21.27 36.16 23.17
CA ILE C 197 21.91 35.91 21.83
C ILE C 197 21.92 37.22 21.03
N ASP C 198 22.86 37.34 20.10
CA ASP C 198 22.98 38.48 19.14
C ASP C 198 22.57 37.99 17.75
N ILE C 199 21.41 38.45 17.26
CA ILE C 199 20.80 38.04 15.96
C ILE C 199 21.32 38.98 14.86
N VAL C 200 22.15 38.47 13.95
CA VAL C 200 22.72 39.24 12.80
C VAL C 200 21.59 39.54 11.81
N ALA C 201 21.63 40.73 11.19
CA ALA C 201 20.59 41.24 10.27
C ALA C 201 20.72 40.55 8.91
N VAL C 202 19.58 40.29 8.27
CA VAL C 202 19.47 39.74 6.88
C VAL C 202 18.44 40.59 6.12
N ALA C 203 18.36 40.41 4.79
CA ALA C 203 17.41 41.13 3.90
C ALA C 203 16.59 40.12 3.10
N GLY C 204 15.26 40.12 3.28
CA GLY C 204 14.31 39.27 2.54
C GLY C 204 14.13 37.91 3.22
N VAL C 205 13.15 37.13 2.75
CA VAL C 205 12.76 35.80 3.30
C VAL C 205 13.72 34.73 2.77
N ASN C 206 13.65 33.52 3.36
CA ASN C 206 14.38 32.29 2.92
C ASN C 206 15.90 32.52 3.03
N LYS C 207 16.34 33.31 4.02
CA LYS C 207 17.78 33.63 4.24
C LYS C 207 18.24 32.96 5.53
N PRO C 208 19.38 32.23 5.52
CA PRO C 208 19.93 31.62 6.73
C PRO C 208 20.39 32.66 7.75
N ILE C 209 19.71 32.76 8.89
CA ILE C 209 19.97 33.77 9.96
C ILE C 209 21.14 33.28 10.83
N GLN C 210 22.10 34.17 11.09
CA GLN C 210 23.30 33.92 11.94
C GLN C 210 23.01 34.43 13.36
N VAL C 211 23.42 33.69 14.38
CA VAL C 211 23.23 34.03 15.83
C VAL C 211 24.53 33.75 16.59
N GLN C 212 24.84 34.61 17.58
CA GLN C 212 26.05 34.52 18.44
C GLN C 212 25.60 34.36 19.90
N GLY C 213 25.75 33.15 20.46
CA GLY C 213 25.37 32.80 21.84
C GLY C 213 26.50 33.07 22.82
N SER C 214 26.42 32.49 24.03
CA SER C 214 27.38 32.67 25.15
C SER C 214 28.71 31.99 24.82
N GLU C 215 28.67 30.82 24.16
CA GLU C 215 29.85 29.95 23.92
C GLU C 215 30.07 29.78 22.40
N GLY C 216 29.86 30.85 21.61
CA GLY C 216 30.07 30.86 20.16
C GLY C 216 28.79 31.16 19.40
N GLY C 217 28.74 30.80 18.11
CA GLY C 217 27.61 31.07 17.20
C GLY C 217 27.40 29.95 16.19
N THR C 218 26.29 30.01 15.45
CA THR C 218 25.87 29.01 14.43
C THR C 218 24.88 29.65 13.45
N GLN C 219 24.43 28.89 12.45
CA GLN C 219 23.48 29.33 11.39
C GLN C 219 22.15 28.59 11.55
N LEU C 220 21.04 29.34 11.65
CA LEU C 220 19.66 28.80 11.70
C LEU C 220 19.05 28.89 10.30
N GLN C 221 18.32 27.85 9.87
CA GLN C 221 17.56 27.83 8.59
C GLN C 221 16.29 28.67 8.77
N PRO C 222 15.67 29.16 7.68
CA PRO C 222 14.49 30.03 7.79
C PRO C 222 13.35 29.46 8.63
N GLY C 223 13.04 28.17 8.47
CA GLY C 223 11.98 27.45 9.20
C GLY C 223 12.34 27.21 10.66
N ILE C 224 13.65 27.13 10.97
CA ILE C 224 14.18 26.95 12.35
C ILE C 224 14.14 28.31 13.07
N ALA C 225 14.61 29.37 12.42
CA ALA C 225 14.64 30.77 12.94
C ALA C 225 13.22 31.27 13.21
N HIS C 226 12.26 30.87 12.36
CA HIS C 226 10.83 31.24 12.48
C HIS C 226 10.20 30.56 13.70
N ALA C 227 10.77 29.42 14.13
CA ALA C 227 10.23 28.54 15.20
C ALA C 227 10.76 28.96 16.58
N VAL C 228 11.86 29.72 16.62
CA VAL C 228 12.51 30.20 17.89
C VAL C 228 12.00 31.60 18.21
N MET C 229 11.34 31.78 19.36
CA MET C 229 10.77 33.07 19.82
C MET C 229 11.70 33.70 20.86
N VAL C 230 11.84 35.03 20.83
CA VAL C 230 12.76 35.81 21.70
C VAL C 230 12.07 37.10 22.16
N ARG C 231 12.56 37.69 23.24
CA ARG C 231 12.22 39.07 23.70
C ARG C 231 13.45 39.96 23.50
N VAL C 232 13.37 40.93 22.57
CA VAL C 232 14.50 41.85 22.22
C VAL C 232 14.75 42.79 23.41
N LYS C 233 16.03 42.96 23.78
CA LYS C 233 16.47 43.89 24.85
C LYS C 233 16.46 45.33 24.30
N ASP D 5 -5.47 0.03 22.25
CA ASP D 5 -5.88 -0.86 23.38
C ASP D 5 -4.64 -1.56 23.94
N LEU D 6 -4.03 -2.47 23.16
CA LEU D 6 -2.79 -3.22 23.55
C LEU D 6 -1.55 -2.37 23.31
N ILE D 7 -1.67 -1.31 22.51
CA ILE D 7 -0.55 -0.40 22.09
C ILE D 7 0.31 -1.13 21.05
N ASP D 8 0.95 -2.24 21.44
CA ASP D 8 1.76 -3.12 20.55
C ASP D 8 1.32 -4.57 20.74
N THR D 9 0.67 -5.15 19.73
CA THR D 9 0.13 -6.54 19.75
C THR D 9 1.26 -7.55 20.00
N THR D 10 2.35 -7.45 19.23
CA THR D 10 3.51 -8.39 19.27
C THR D 10 4.08 -8.45 20.70
N GLU D 11 4.39 -7.29 21.29
CA GLU D 11 5.06 -7.18 22.62
C GLU D 11 4.15 -7.77 23.70
N MET D 12 2.82 -7.58 23.58
CA MET D 12 1.83 -8.04 24.58
C MET D 12 1.65 -9.56 24.50
N TYR D 13 1.72 -10.14 23.29
CA TYR D 13 1.72 -11.60 23.07
C TYR D 13 2.99 -12.21 23.68
N LEU D 14 4.14 -11.59 23.44
CA LEU D 14 5.45 -12.03 24.00
C LEU D 14 5.40 -11.97 25.53
N ARG D 15 4.93 -10.85 26.10
CA ARG D 15 4.93 -10.63 27.56
C ARG D 15 3.91 -11.58 28.21
N THR D 16 2.79 -11.85 27.55
CA THR D 16 1.73 -12.78 28.03
C THR D 16 2.30 -14.20 28.14
N ILE D 17 3.09 -14.64 27.15
CA ILE D 17 3.74 -15.98 27.14
C ILE D 17 4.76 -16.04 28.29
N TYR D 18 5.48 -14.93 28.53
CA TYR D 18 6.47 -14.79 29.63
C TYR D 18 5.77 -14.92 30.98
N ASP D 19 4.63 -14.23 31.15
CA ASP D 19 3.76 -14.28 32.36
C ASP D 19 3.39 -15.73 32.67
N LEU D 20 2.92 -16.47 31.67
CA LEU D 20 2.46 -17.88 31.81
C LEU D 20 3.63 -18.78 32.25
N GLU D 21 4.83 -18.53 31.73
CA GLU D 21 6.07 -19.26 32.11
C GLU D 21 6.46 -18.95 33.57
N GLU D 22 6.22 -17.72 34.02
CA GLU D 22 6.49 -17.28 35.42
C GLU D 22 5.50 -17.95 36.37
N GLU D 23 4.24 -18.12 35.94
CA GLU D 23 3.15 -18.74 36.73
C GLU D 23 3.20 -20.27 36.65
N GLY D 24 4.15 -20.84 35.89
CA GLY D 24 4.29 -22.30 35.69
C GLY D 24 3.07 -22.89 34.99
N VAL D 25 2.44 -22.12 34.11
CA VAL D 25 1.29 -22.55 33.25
C VAL D 25 1.84 -22.90 31.86
N VAL D 26 1.18 -23.83 31.17
CA VAL D 26 1.52 -24.22 29.77
C VAL D 26 1.05 -23.11 28.84
N PRO D 27 1.95 -22.43 28.11
CA PRO D 27 1.57 -21.31 27.26
C PRO D 27 0.91 -21.79 25.95
N LEU D 28 -0.43 -21.81 25.94
CA LEU D 28 -1.26 -22.18 24.76
C LEU D 28 -1.93 -20.92 24.20
N ARG D 29 -2.33 -20.97 22.93
CA ARG D 29 -3.10 -19.90 22.22
C ARG D 29 -4.40 -19.61 22.97
N ALA D 30 -5.03 -20.65 23.54
CA ALA D 30 -6.28 -20.56 24.32
C ALA D 30 -6.06 -19.68 25.56
N ARG D 31 -4.88 -19.77 26.19
CA ARG D 31 -4.51 -18.95 27.38
C ARG D 31 -4.40 -17.47 26.99
N ILE D 32 -3.81 -17.18 25.83
CA ILE D 32 -3.60 -15.78 25.32
C ILE D 32 -4.97 -15.16 24.99
N ALA D 33 -5.86 -15.93 24.36
CA ALA D 33 -7.23 -15.52 23.99
C ALA D 33 -7.99 -15.04 25.23
N GLU D 34 -7.93 -15.81 26.33
CA GLU D 34 -8.60 -15.51 27.63
C GLU D 34 -8.07 -14.20 28.21
N ARG D 35 -6.75 -14.07 28.30
CA ARG D 35 -6.06 -13.02 29.11
C ARG D 35 -6.07 -11.67 28.38
N LEU D 36 -5.95 -11.67 27.05
CA LEU D 36 -6.00 -10.43 26.22
C LEU D 36 -7.41 -10.22 25.67
N GLU D 37 -8.34 -11.14 25.95
CA GLU D 37 -9.77 -11.06 25.54
C GLU D 37 -9.86 -10.87 24.03
N GLN D 38 -9.25 -11.79 23.27
CA GLN D 38 -9.31 -11.86 21.79
C GLN D 38 -9.82 -13.24 21.38
N SER D 39 -10.51 -13.32 20.24
CA SER D 39 -11.10 -14.57 19.68
C SER D 39 -9.97 -15.55 19.34
N GLY D 40 -10.26 -16.86 19.35
CA GLY D 40 -9.32 -17.94 19.01
C GLY D 40 -8.68 -17.75 17.64
N PRO D 41 -9.48 -17.46 16.58
CA PRO D 41 -8.94 -17.22 15.25
C PRO D 41 -7.91 -16.07 15.20
N THR D 42 -8.19 -14.97 15.90
CA THR D 42 -7.29 -13.79 16.03
C THR D 42 -5.93 -14.26 16.58
N VAL D 43 -5.95 -15.05 17.66
CA VAL D 43 -4.72 -15.46 18.40
C VAL D 43 -3.92 -16.43 17.52
N SER D 44 -4.57 -17.42 16.92
CA SER D 44 -3.96 -18.39 15.98
C SER D 44 -3.26 -17.64 14.83
N GLN D 45 -3.90 -16.60 14.29
CA GLN D 45 -3.40 -15.80 13.15
C GLN D 45 -2.18 -14.99 13.59
N THR D 46 -2.29 -14.22 14.69
CA THR D 46 -1.21 -13.36 15.23
C THR D 46 -0.01 -14.22 15.60
N VAL D 47 -0.24 -15.38 16.24
CA VAL D 47 0.85 -16.35 16.62
C VAL D 47 1.55 -16.84 15.34
N ALA D 48 0.79 -17.13 14.29
CA ALA D 48 1.30 -17.58 12.96
C ALA D 48 2.18 -16.48 12.34
N ARG D 49 1.74 -15.22 12.44
CA ARG D 49 2.49 -14.03 11.97
C ARG D 49 3.77 -13.87 12.78
N MET D 50 3.71 -14.13 14.09
CA MET D 50 4.88 -14.06 15.01
C MET D 50 5.81 -15.25 14.78
N GLU D 51 5.27 -16.41 14.41
CA GLU D 51 6.05 -17.63 14.01
C GLU D 51 6.78 -17.35 12.71
N ARG D 52 6.10 -16.73 11.74
CA ARG D 52 6.65 -16.32 10.42
C ARG D 52 7.86 -15.40 10.62
N ASP D 53 7.78 -14.48 11.58
CA ASP D 53 8.79 -13.41 11.83
C ASP D 53 9.92 -13.91 12.74
N GLY D 54 9.79 -15.14 13.27
CA GLY D 54 10.88 -15.86 13.97
C GLY D 54 10.94 -15.52 15.45
N LEU D 55 9.80 -15.14 16.06
CA LEU D 55 9.72 -14.72 17.47
C LEU D 55 9.30 -15.89 18.37
N LEU D 56 8.65 -16.92 17.81
CA LEU D 56 8.28 -18.16 18.56
C LEU D 56 8.08 -19.33 17.59
N THR D 57 7.91 -20.53 18.14
CA THR D 57 7.55 -21.77 17.40
C THR D 57 6.42 -22.47 18.17
N VAL D 58 5.50 -23.12 17.44
CA VAL D 58 4.44 -24.00 18.01
C VAL D 58 5.02 -25.42 18.09
N ALA D 59 5.17 -25.95 19.32
CA ALA D 59 5.74 -27.29 19.60
C ALA D 59 4.79 -28.37 19.08
N GLU D 60 5.22 -29.63 19.13
CA GLU D 60 4.43 -30.82 18.69
C GLU D 60 3.16 -30.93 19.55
N ASP D 61 3.23 -30.53 20.83
CA ASP D 61 2.11 -30.58 21.79
C ASP D 61 1.34 -29.24 21.79
N ARG D 62 1.70 -28.32 20.89
CA ARG D 62 0.98 -27.04 20.60
C ARG D 62 1.30 -25.95 21.64
N HIS D 63 2.27 -26.17 22.54
CA HIS D 63 2.73 -25.15 23.52
C HIS D 63 3.64 -24.16 22.78
N LEU D 64 3.51 -22.86 23.09
CA LEU D 64 4.26 -21.76 22.41
C LEU D 64 5.64 -21.62 23.05
N GLU D 65 6.70 -21.89 22.29
CA GLU D 65 8.11 -21.76 22.71
C GLU D 65 8.69 -20.49 22.09
N LEU D 66 9.08 -19.51 22.93
CA LEU D 66 9.80 -18.29 22.48
C LEU D 66 11.14 -18.71 21.89
N THR D 67 11.56 -18.07 20.79
CA THR D 67 12.90 -18.22 20.19
C THR D 67 13.90 -17.36 20.97
N LYS D 68 15.17 -17.40 20.60
CA LYS D 68 16.25 -16.52 21.12
C LYS D 68 15.81 -15.06 20.97
N ALA D 69 15.33 -14.68 19.78
CA ALA D 69 14.89 -13.31 19.42
C ALA D 69 13.63 -12.93 20.19
N GLY D 70 12.67 -13.86 20.28
CA GLY D 70 11.39 -13.67 20.98
C GLY D 70 11.58 -13.42 22.47
N ARG D 71 12.48 -14.18 23.10
CA ARG D 71 12.77 -14.09 24.56
C ARG D 71 13.50 -12.77 24.84
N ALA D 72 14.45 -12.38 23.99
CA ALA D 72 15.21 -11.12 24.09
C ALA D 72 14.24 -9.92 24.13
N ARG D 73 13.22 -9.93 23.27
CA ARG D 73 12.18 -8.87 23.18
C ARG D 73 11.23 -8.96 24.39
N ALA D 74 10.86 -10.18 24.79
CA ALA D 74 9.98 -10.44 25.96
C ALA D 74 10.63 -9.87 27.24
N ILE D 75 11.92 -10.15 27.43
CA ILE D 75 12.74 -9.68 28.59
C ILE D 75 12.80 -8.15 28.56
N SER D 76 13.07 -7.58 27.39
CA SER D 76 13.14 -6.11 27.13
C SER D 76 11.83 -5.44 27.59
N VAL D 77 10.67 -5.97 27.20
CA VAL D 77 9.33 -5.40 27.53
C VAL D 77 9.08 -5.53 29.04
N MET D 78 9.43 -6.67 29.63
CA MET D 78 9.17 -6.96 31.07
C MET D 78 10.05 -6.05 31.95
N ARG D 79 11.32 -5.90 31.58
CA ARG D 79 12.30 -5.00 32.26
C ARG D 79 11.75 -3.57 32.29
N LYS D 80 11.28 -3.07 31.15
CA LYS D 80 10.68 -1.72 31.00
C LYS D 80 9.45 -1.60 31.90
N HIS D 81 8.60 -2.63 31.88
CA HIS D 81 7.35 -2.73 32.68
C HIS D 81 7.66 -2.54 34.17
N ARG D 82 8.62 -3.29 34.71
CA ARG D 82 8.88 -3.38 36.17
C ARG D 82 9.67 -2.16 36.65
N LEU D 83 10.47 -1.53 35.78
CA LEU D 83 11.16 -0.24 36.10
C LEU D 83 10.14 0.89 36.11
N ALA D 84 9.18 0.88 35.17
CA ALA D 84 8.06 1.85 35.09
C ALA D 84 7.23 1.78 36.38
N GLU D 85 6.96 0.57 36.88
CA GLU D 85 6.16 0.31 38.10
C GLU D 85 6.86 0.95 39.31
N ARG D 86 8.18 0.76 39.43
CA ARG D 86 9.00 1.31 40.53
C ARG D 86 8.95 2.85 40.50
N LEU D 87 9.15 3.46 39.33
CA LEU D 87 9.06 4.94 39.14
C LEU D 87 7.67 5.41 39.56
N LEU D 88 6.62 4.69 39.15
CA LEU D 88 5.20 5.08 39.39
C LEU D 88 4.87 5.02 40.88
N VAL D 89 5.47 4.07 41.62
CA VAL D 89 5.22 3.87 43.08
C VAL D 89 6.17 4.77 43.89
N ASP D 90 7.48 4.65 43.66
CA ASP D 90 8.55 5.21 44.52
C ASP D 90 8.67 6.74 44.33
N VAL D 91 8.49 7.24 43.09
CA VAL D 91 8.78 8.66 42.72
C VAL D 91 7.48 9.43 42.51
N ILE D 92 6.62 8.95 41.59
CA ILE D 92 5.41 9.69 41.12
C ILE D 92 4.29 9.56 42.17
N GLY D 93 4.19 8.40 42.83
CA GLY D 93 3.23 8.15 43.92
C GLY D 93 1.83 7.85 43.40
N LEU D 94 1.72 7.17 42.26
CA LEU D 94 0.43 6.64 41.73
C LEU D 94 -0.03 5.50 42.65
N GLU D 95 -1.35 5.33 42.80
CA GLU D 95 -1.96 4.38 43.76
C GLU D 95 -1.54 2.95 43.40
N TRP D 96 -1.16 2.16 44.41
CA TRP D 96 -0.56 0.80 44.32
C TRP D 96 -1.33 -0.10 43.35
N GLU D 97 -2.66 0.06 43.26
CA GLU D 97 -3.54 -0.84 42.46
C GLU D 97 -3.56 -0.41 40.99
N GLN D 98 -3.45 0.89 40.71
CA GLN D 98 -3.56 1.49 39.35
C GLN D 98 -2.24 1.39 38.57
N VAL D 99 -1.13 1.06 39.25
CA VAL D 99 0.26 1.20 38.70
C VAL D 99 0.45 0.27 37.50
N HIS D 100 0.13 -1.02 37.67
CA HIS D 100 0.33 -2.07 36.62
C HIS D 100 -0.33 -1.65 35.31
N LEU D 101 -1.59 -1.19 35.36
CA LEU D 101 -2.40 -0.79 34.18
C LEU D 101 -1.69 0.35 33.43
N GLU D 102 -1.01 1.24 34.16
CA GLU D 102 -0.22 2.37 33.59
C GLU D 102 1.06 1.81 32.95
N ALA D 103 1.84 1.04 33.71
CA ALA D 103 3.13 0.44 33.29
C ALA D 103 2.92 -0.52 32.12
N CSD D 104 1.70 -1.05 32.01
CA CSD D 104 1.33 -1.96 30.93
CB CSD D 104 -0.04 -2.60 31.20
SG CSD D 104 -0.08 -4.26 30.47
C CSD D 104 1.33 -1.22 29.59
O CSD D 104 1.47 -1.86 28.54
OD1 CSD D 104 -1.11 -5.01 31.23
OD2 CSD D 104 -0.58 -4.10 28.96
N ARG D 105 1.14 0.10 29.62
CA ARG D 105 1.18 0.91 28.41
C ARG D 105 2.59 1.49 28.22
N TRP D 106 3.22 1.95 29.30
CA TRP D 106 4.55 2.59 29.32
C TRP D 106 5.63 1.65 28.79
N GLU D 107 5.49 0.34 29.03
CA GLU D 107 6.48 -0.71 28.66
C GLU D 107 6.76 -0.70 27.15
N HIS D 108 5.86 -0.14 26.33
CA HIS D 108 5.91 -0.19 24.84
C HIS D 108 6.62 1.04 24.25
N VAL D 109 6.84 2.10 25.04
CA VAL D 109 7.34 3.42 24.54
C VAL D 109 8.67 3.81 25.21
N MET D 110 9.10 3.11 26.27
CA MET D 110 10.31 3.46 27.06
C MET D 110 11.56 3.02 26.30
N SER D 111 12.49 3.95 26.07
CA SER D 111 13.83 3.68 25.47
C SER D 111 14.74 3.04 26.51
N GLU D 112 15.80 2.36 26.07
CA GLU D 112 16.85 1.80 26.97
C GLU D 112 17.64 2.94 27.63
N ALA D 113 17.67 4.13 27.01
CA ALA D 113 18.30 5.36 27.54
C ALA D 113 17.62 5.77 28.85
N VAL D 114 16.29 5.78 28.87
CA VAL D 114 15.46 6.09 30.08
C VAL D 114 15.72 5.02 31.13
N GLU D 115 15.69 3.73 30.74
CA GLU D 115 15.86 2.58 31.66
C GLU D 115 17.14 2.76 32.48
N ARG D 116 18.27 3.06 31.82
CA ARG D 116 19.59 3.24 32.48
C ARG D 116 19.52 4.41 33.47
N LYS D 117 18.79 5.47 33.12
CA LYS D 117 18.55 6.65 33.99
C LYS D 117 17.65 6.26 35.18
N LEU D 118 16.66 5.41 34.94
CA LEU D 118 15.72 4.92 35.99
C LEU D 118 16.49 4.03 36.98
N VAL D 119 17.41 3.20 36.49
CA VAL D 119 18.24 2.28 37.31
C VAL D 119 19.06 3.11 38.31
N LYS D 120 19.65 4.22 37.86
CA LYS D 120 20.42 5.16 38.72
C LYS D 120 19.49 5.80 39.75
N LEU D 121 18.38 6.38 39.29
CA LEU D 121 17.40 7.14 40.12
C LEU D 121 16.86 6.24 41.25
N LEU D 122 16.53 4.99 40.94
CA LEU D 122 15.82 4.05 41.86
C LEU D 122 16.83 3.25 42.69
N GLY D 123 18.14 3.44 42.46
CA GLY D 123 19.23 2.86 43.27
C GLY D 123 19.43 1.38 42.99
N ASN D 124 19.49 1.00 41.71
CA ASN D 124 19.75 -0.39 41.22
C ASN D 124 18.72 -1.34 41.83
N PRO D 125 17.42 -1.20 41.49
CA PRO D 125 16.39 -2.13 41.97
C PRO D 125 16.49 -3.49 41.25
N THR D 126 16.26 -4.58 41.97
CA THR D 126 16.28 -5.98 41.44
C THR D 126 14.85 -6.52 41.29
N THR D 127 13.85 -5.87 41.91
CA THR D 127 12.44 -6.32 41.93
C THR D 127 11.51 -5.15 41.60
N SER D 128 10.30 -5.46 41.13
CA SER D 128 9.15 -4.52 41.01
C SER D 128 8.53 -4.32 42.38
N PRO D 129 7.59 -3.34 42.55
CA PRO D 129 6.90 -3.15 43.82
C PRO D 129 6.04 -4.34 44.27
N TYR D 130 5.84 -5.32 43.38
CA TYR D 130 5.01 -6.54 43.62
C TYR D 130 5.92 -7.76 43.80
N GLY D 131 7.23 -7.54 43.95
CA GLY D 131 8.22 -8.56 44.35
C GLY D 131 8.80 -9.33 43.17
N ASN D 132 8.33 -9.06 41.95
CA ASN D 132 8.73 -9.80 40.73
C ASN D 132 10.12 -9.34 40.31
N PRO D 133 11.11 -10.26 40.15
CA PRO D 133 12.45 -9.89 39.72
C PRO D 133 12.45 -9.14 38.37
N ILE D 134 13.34 -8.15 38.24
CA ILE D 134 13.56 -7.39 36.98
C ILE D 134 14.60 -8.14 36.16
N PRO D 135 14.23 -8.74 35.01
CA PRO D 135 15.18 -9.45 34.16
C PRO D 135 15.89 -8.52 33.16
N GLY D 136 16.97 -9.01 32.54
CA GLY D 136 17.69 -8.35 31.44
C GLY D 136 18.40 -7.08 31.86
N LEU D 137 18.75 -6.93 33.13
CA LEU D 137 19.58 -5.79 33.63
C LEU D 137 20.99 -5.90 33.05
N ASP D 138 21.48 -7.14 32.84
CA ASP D 138 22.74 -7.45 32.12
C ASP D 138 22.75 -6.75 30.76
N GLU D 139 21.65 -6.84 30.01
CA GLU D 139 21.51 -6.33 28.62
C GLU D 139 21.54 -4.79 28.58
N LEU D 140 21.17 -4.12 29.69
CA LEU D 140 21.28 -2.64 29.84
C LEU D 140 22.75 -2.26 30.05
N GLY D 141 23.51 -3.12 30.74
CA GLY D 141 24.93 -2.90 31.09
C GLY D 141 25.10 -2.42 32.52
N VAL D 142 24.09 -2.64 33.37
CA VAL D 142 24.02 -2.14 34.78
C VAL D 142 24.08 -3.34 35.73
N GLY G 143 17.69 -16.96 35.33
CA GLY G 143 16.34 -16.35 35.23
C GLY G 143 15.54 -16.56 36.51
N ASP G 144 15.71 -15.64 37.47
CA ASP G 144 15.03 -15.63 38.79
C ASP G 144 13.51 -15.55 38.57
N SER G 145 13.09 -14.88 37.48
CA SER G 145 11.69 -14.75 37.01
C SER G 145 11.02 -16.13 36.90
N VAL G 146 11.58 -17.01 36.04
CA VAL G 146 10.98 -18.32 35.66
C VAL G 146 11.42 -19.39 36.67
N GLU G 147 12.73 -19.52 36.90
CA GLU G 147 13.35 -20.52 37.83
C GLU G 147 13.94 -19.78 39.02
N PRO G 148 13.20 -19.65 40.15
CA PRO G 148 13.68 -18.91 41.32
C PRO G 148 15.06 -19.39 41.83
N VAL G 149 15.96 -18.44 42.14
CA VAL G 149 17.29 -18.68 42.75
C VAL G 149 17.07 -19.31 44.14
N ASP G 150 16.18 -18.72 44.93
CA ASP G 150 15.67 -19.27 46.21
C ASP G 150 14.65 -20.37 45.90
N THR G 151 15.08 -21.64 45.93
CA THR G 151 14.28 -22.83 45.55
C THR G 151 13.18 -23.09 46.58
N ASP G 152 13.29 -22.48 47.77
CA ASP G 152 12.31 -22.62 48.89
C ASP G 152 11.02 -21.84 48.58
N LEU G 153 11.02 -20.99 47.55
CA LEU G 153 9.80 -20.26 47.09
C LEU G 153 8.75 -21.28 46.62
N ARG G 154 7.51 -21.12 47.08
CA ARG G 154 6.36 -22.02 46.80
C ARG G 154 5.12 -21.18 46.49
N ARG G 155 4.16 -21.76 45.77
CA ARG G 155 2.88 -21.10 45.38
C ARG G 155 1.86 -21.33 46.52
N VAL G 156 1.00 -20.34 46.77
CA VAL G 156 0.02 -20.32 47.90
C VAL G 156 -0.87 -21.57 47.81
N ASP G 157 -1.35 -21.91 46.61
CA ASP G 157 -2.29 -23.04 46.38
C ASP G 157 -1.60 -24.38 46.72
N GLU G 158 -0.31 -24.52 46.39
CA GLU G 158 0.49 -25.74 46.69
C GLU G 158 0.70 -25.85 48.21
N VAL G 159 0.95 -24.72 48.89
CA VAL G 159 1.14 -24.67 50.36
C VAL G 159 -0.18 -25.07 51.04
N ALA G 160 -1.30 -24.53 50.57
CA ALA G 160 -2.67 -24.82 51.06
C ALA G 160 -2.95 -26.32 50.96
N ARG G 161 -2.77 -26.91 49.78
CA ARG G 161 -3.06 -28.34 49.48
C ARG G 161 -2.18 -29.25 50.37
N SER G 162 -0.96 -28.81 50.69
CA SER G 162 0.05 -29.59 51.47
C SER G 162 -0.23 -29.48 52.98
N GLY G 163 -1.21 -28.67 53.39
CA GLY G 163 -1.68 -28.57 54.79
C GLY G 163 -1.35 -27.23 55.43
N GLY G 164 -1.41 -26.14 54.66
CA GLY G 164 -1.30 -24.75 55.14
C GLY G 164 0.05 -24.45 55.77
N GLY G 165 0.17 -23.28 56.42
CA GLY G 165 1.38 -22.81 57.12
C GLY G 165 1.46 -21.30 57.14
N ARG G 166 2.27 -20.75 58.06
CA ARG G 166 2.64 -19.31 58.09
C ARG G 166 3.77 -19.09 57.08
N ALA G 167 3.62 -18.07 56.22
CA ALA G 167 4.54 -17.80 55.10
C ALA G 167 4.72 -16.29 54.88
N LEU G 168 5.90 -15.90 54.39
CA LEU G 168 6.24 -14.51 53.98
C LEU G 168 5.86 -14.33 52.50
N VAL G 169 4.97 -13.37 52.21
CA VAL G 169 4.56 -13.00 50.82
C VAL G 169 5.77 -12.38 50.12
N CYS G 170 6.10 -12.86 48.91
CA CYS G 170 7.31 -12.45 48.14
C CYS G 170 6.91 -11.86 46.79
N ARG G 171 6.16 -12.59 45.96
CA ARG G 171 5.82 -12.19 44.57
C ARG G 171 4.30 -12.24 44.35
N ILE G 172 3.78 -11.24 43.64
CA ILE G 172 2.38 -11.20 43.09
C ILE G 172 2.50 -11.05 41.57
N ALA G 173 2.22 -12.12 40.82
CA ALA G 173 2.42 -12.23 39.35
C ALA G 173 1.55 -11.20 38.63
N GLU G 174 1.90 -10.89 37.37
CA GLU G 174 1.30 -9.80 36.55
C GLU G 174 -0.20 -10.07 36.34
N HIS G 175 -0.59 -11.34 36.23
CA HIS G 175 -1.99 -11.80 36.05
C HIS G 175 -2.88 -11.26 37.18
N VAL G 176 -2.37 -11.27 38.42
CA VAL G 176 -3.10 -10.81 39.65
C VAL G 176 -3.30 -9.29 39.57
N GLN G 177 -2.28 -8.56 39.10
CA GLN G 177 -2.23 -7.07 39.11
C GLN G 177 -3.28 -6.49 38.15
N LEU G 178 -3.72 -7.27 37.17
CA LEU G 178 -4.71 -6.84 36.13
C LEU G 178 -6.05 -6.45 36.77
N ASP G 179 -6.41 -7.09 37.88
CA ASP G 179 -7.67 -6.83 38.64
C ASP G 179 -7.38 -5.79 39.72
N PRO G 180 -7.74 -4.49 39.52
CA PRO G 180 -7.43 -3.45 40.50
C PRO G 180 -8.19 -3.61 41.81
N ASP G 181 -9.48 -3.95 41.73
CA ASP G 181 -10.40 -4.14 42.89
C ASP G 181 -9.83 -5.24 43.81
N LEU G 182 -9.28 -6.31 43.23
CA LEU G 182 -8.63 -7.44 43.97
C LEU G 182 -7.37 -6.92 44.66
N MET G 183 -6.53 -6.18 43.94
CA MET G 183 -5.23 -5.65 44.45
C MET G 183 -5.49 -4.73 45.66
N SER G 184 -6.58 -3.94 45.63
CA SER G 184 -7.06 -3.11 46.76
C SER G 184 -7.36 -3.98 47.97
N GLU G 185 -8.07 -5.10 47.77
CA GLU G 185 -8.46 -6.07 48.83
C GLU G 185 -7.20 -6.72 49.42
N LEU G 186 -6.22 -7.06 48.58
CA LEU G 186 -4.93 -7.68 49.00
C LEU G 186 -4.14 -6.69 49.87
N LYS G 187 -4.17 -5.41 49.51
CA LYS G 187 -3.50 -4.31 50.26
C LYS G 187 -4.19 -4.11 51.62
N LYS G 188 -5.52 -4.07 51.62
CA LYS G 188 -6.37 -3.79 52.81
C LYS G 188 -6.09 -4.82 53.92
N VAL G 189 -6.08 -6.11 53.57
CA VAL G 189 -5.92 -7.24 54.54
C VAL G 189 -4.43 -7.53 54.77
N GLY G 190 -3.56 -7.08 53.85
CA GLY G 190 -2.09 -7.09 54.02
C GLY G 190 -1.40 -8.25 53.33
N VAL G 191 -1.97 -8.74 52.22
CA VAL G 191 -1.30 -9.73 51.32
C VAL G 191 -0.46 -8.94 50.31
N VAL G 192 0.68 -8.42 50.78
CA VAL G 192 1.63 -7.58 50.01
C VAL G 192 3.04 -8.11 50.25
N PRO G 193 4.00 -7.93 49.31
CA PRO G 193 5.37 -8.37 49.54
C PRO G 193 5.95 -7.78 50.83
N GLY G 194 6.61 -8.62 51.65
CA GLY G 194 7.25 -8.23 52.91
C GLY G 194 6.46 -8.65 54.14
N ASN G 195 5.14 -8.85 54.01
CA ASN G 195 4.23 -9.20 55.13
C ASN G 195 4.12 -10.72 55.26
N GLU G 196 4.00 -11.21 56.51
CA GLU G 196 3.68 -12.63 56.83
C GLU G 196 2.16 -12.81 56.71
N ILE G 197 1.73 -13.96 56.17
CA ILE G 197 0.29 -14.36 56.07
C ILE G 197 0.14 -15.80 56.58
N ASP G 198 -1.07 -16.17 56.99
CA ASP G 198 -1.45 -17.56 57.36
C ASP G 198 -2.26 -18.16 56.20
N ILE G 199 -1.74 -19.24 55.61
CA ILE G 199 -2.40 -20.01 54.52
C ILE G 199 -3.18 -21.15 55.16
N VAL G 200 -4.52 -21.11 55.07
CA VAL G 200 -5.45 -22.15 55.60
C VAL G 200 -5.31 -23.40 54.71
N ALA G 201 -5.22 -24.58 55.33
CA ALA G 201 -5.16 -25.89 54.65
C ALA G 201 -6.42 -26.09 53.80
N VAL G 202 -6.26 -26.58 52.56
CA VAL G 202 -7.37 -26.83 51.59
C VAL G 202 -7.27 -28.28 51.10
N ALA G 203 -8.37 -28.82 50.59
CA ALA G 203 -8.47 -30.18 50.00
C ALA G 203 -9.21 -30.10 48.65
N GLY G 204 -8.58 -30.62 47.59
CA GLY G 204 -9.14 -30.66 46.22
C GLY G 204 -8.59 -29.57 45.34
N VAL G 205 -9.03 -29.54 44.07
CA VAL G 205 -8.65 -28.51 43.05
C VAL G 205 -9.90 -27.68 42.73
N ASN G 206 -9.71 -26.43 42.29
CA ASN G 206 -10.78 -25.45 41.95
C ASN G 206 -11.59 -25.12 43.21
N LYS G 207 -10.92 -25.04 44.36
CA LYS G 207 -11.50 -24.59 45.66
C LYS G 207 -10.82 -23.29 46.06
N PRO G 208 -11.58 -22.24 46.45
CA PRO G 208 -10.97 -20.98 46.91
C PRO G 208 -10.07 -21.21 48.14
N ILE G 209 -8.85 -20.64 48.11
CA ILE G 209 -7.85 -20.73 49.23
C ILE G 209 -8.09 -19.55 50.17
N GLN G 210 -8.27 -19.86 51.47
CA GLN G 210 -8.47 -18.86 52.55
C GLN G 210 -7.09 -18.46 53.10
N VAL G 211 -6.83 -17.15 53.19
CA VAL G 211 -5.56 -16.59 53.74
C VAL G 211 -5.91 -15.55 54.81
N GLN G 212 -5.09 -15.46 55.86
CA GLN G 212 -5.23 -14.48 56.97
C GLN G 212 -4.00 -13.57 56.99
N GLY G 213 -4.20 -12.27 56.78
CA GLY G 213 -3.16 -11.23 56.89
C GLY G 213 -3.26 -10.50 58.22
N SER G 214 -2.43 -9.47 58.42
CA SER G 214 -2.35 -8.64 59.64
C SER G 214 -3.71 -7.98 59.92
N GLU G 215 -4.38 -7.47 58.87
CA GLU G 215 -5.64 -6.68 58.96
C GLU G 215 -6.82 -7.52 58.45
N GLY G 216 -6.88 -8.81 58.82
CA GLY G 216 -7.98 -9.73 58.49
C GLY G 216 -7.62 -10.69 57.38
N GLY G 217 -8.63 -11.35 56.80
CA GLY G 217 -8.47 -12.44 55.81
C GLY G 217 -9.33 -12.22 54.58
N THR G 218 -9.10 -13.04 53.54
CA THR G 218 -9.82 -12.99 52.24
C THR G 218 -9.74 -14.38 51.58
N GLN G 219 -10.59 -14.61 50.56
CA GLN G 219 -10.60 -15.86 49.74
C GLN G 219 -9.95 -15.57 48.39
N LEU G 220 -8.86 -16.29 48.08
CA LEU G 220 -8.19 -16.25 46.76
C LEU G 220 -8.79 -17.32 45.84
N GLN G 221 -9.06 -16.98 44.58
CA GLN G 221 -9.44 -17.96 43.53
C GLN G 221 -8.22 -18.82 43.20
N PRO G 222 -8.40 -20.06 42.70
CA PRO G 222 -7.28 -20.97 42.45
C PRO G 222 -6.22 -20.37 41.51
N GLY G 223 -6.65 -19.70 40.43
CA GLY G 223 -5.78 -18.99 39.48
C GLY G 223 -4.98 -17.88 40.15
N ILE G 224 -5.59 -17.17 41.10
CA ILE G 224 -4.97 -16.04 41.86
C ILE G 224 -3.95 -16.63 42.86
N ALA G 225 -4.36 -17.63 43.64
CA ALA G 225 -3.53 -18.30 44.66
C ALA G 225 -2.29 -18.93 44.01
N HIS G 226 -2.43 -19.45 42.79
CA HIS G 226 -1.35 -20.07 41.98
C HIS G 226 -0.32 -18.99 41.60
N ALA G 227 -0.77 -17.74 41.44
CA ALA G 227 0.03 -16.61 40.90
C ALA G 227 0.70 -15.82 42.03
N VAL G 228 0.47 -16.19 43.30
CA VAL G 228 1.14 -15.58 44.49
C VAL G 228 2.16 -16.59 45.03
N MET G 229 3.43 -16.18 45.13
CA MET G 229 4.54 -17.03 45.64
C MET G 229 4.96 -16.52 47.02
N VAL G 230 5.35 -17.44 47.91
CA VAL G 230 5.69 -17.16 49.34
C VAL G 230 6.91 -18.01 49.75
N ARG G 231 7.53 -17.66 50.88
CA ARG G 231 8.53 -18.50 51.59
C ARG G 231 7.91 -18.93 52.93
N VAL G 232 7.99 -20.22 53.25
CA VAL G 232 7.43 -20.83 54.49
C VAL G 232 8.54 -20.85 55.56
N GLY H 143 17.97 2.78 -38.27
CA GLY H 143 16.68 3.46 -38.02
C GLY H 143 16.13 4.13 -39.27
N ASP H 144 15.58 3.33 -40.19
CA ASP H 144 14.91 3.78 -41.44
C ASP H 144 13.73 4.68 -41.07
N SER H 145 13.13 4.43 -39.89
CA SER H 145 12.10 5.28 -39.23
C SER H 145 12.59 6.72 -39.11
N VAL H 146 13.70 6.94 -38.39
CA VAL H 146 14.23 8.28 -38.00
C VAL H 146 15.03 8.87 -39.17
N GLU H 147 16.08 8.17 -39.61
CA GLU H 147 16.98 8.56 -40.73
C GLU H 147 16.75 7.61 -41.90
N PRO H 148 15.92 8.00 -42.91
CA PRO H 148 15.63 7.12 -44.06
C PRO H 148 16.87 6.68 -44.84
N VAL H 149 16.94 5.40 -45.22
CA VAL H 149 17.99 4.82 -46.10
C VAL H 149 17.90 5.49 -47.48
N ASP H 150 16.68 5.71 -47.97
CA ASP H 150 16.39 6.50 -49.19
C ASP H 150 16.49 7.99 -48.84
N THR H 151 17.67 8.59 -49.04
CA THR H 151 18.01 9.98 -48.66
C THR H 151 17.20 10.98 -49.50
N ASP H 152 16.62 10.53 -50.61
CA ASP H 152 15.80 11.36 -51.54
C ASP H 152 14.44 11.70 -50.92
N LEU H 153 14.02 10.98 -49.86
CA LEU H 153 12.74 11.23 -49.15
C LEU H 153 12.74 12.65 -48.58
N ARG H 154 11.66 13.41 -48.82
CA ARG H 154 11.52 14.84 -48.47
C ARG H 154 10.12 15.09 -47.89
N ARG H 155 9.96 16.14 -47.09
CA ARG H 155 8.68 16.52 -46.43
C ARG H 155 7.89 17.45 -47.35
N VAL H 156 6.56 17.31 -47.36
CA VAL H 156 5.63 18.04 -48.29
C VAL H 156 5.84 19.55 -48.14
N ASP H 157 5.95 20.05 -46.90
CA ASP H 157 6.11 21.49 -46.59
C ASP H 157 7.44 22.00 -47.18
N GLU H 158 8.52 21.22 -47.08
CA GLU H 158 9.86 21.59 -47.60
C GLU H 158 9.84 21.60 -49.14
N VAL H 159 9.11 20.67 -49.77
CA VAL H 159 8.97 20.58 -51.24
C VAL H 159 8.21 21.83 -51.73
N ALA H 160 7.11 22.18 -51.04
CA ALA H 160 6.27 23.37 -51.33
C ALA H 160 7.13 24.64 -51.28
N ARG H 161 7.85 24.85 -50.18
CA ARG H 161 8.68 26.06 -49.93
C ARG H 161 9.80 26.18 -50.97
N SER H 162 10.28 25.05 -51.52
CA SER H 162 11.39 24.96 -52.50
C SER H 162 10.88 25.17 -53.93
N GLY H 163 9.57 25.34 -54.12
CA GLY H 163 8.95 25.68 -55.41
C GLY H 163 8.17 24.51 -56.00
N GLY H 164 7.39 23.82 -55.16
CA GLY H 164 6.44 22.74 -55.56
C GLY H 164 7.12 21.60 -56.29
N GLY H 165 6.31 20.74 -56.92
CA GLY H 165 6.77 19.59 -57.72
C GLY H 165 5.81 18.42 -57.64
N ARG H 166 5.81 17.55 -58.65
CA ARG H 166 5.09 16.25 -58.64
C ARG H 166 5.93 15.25 -57.83
N ALA H 167 5.28 14.48 -56.95
CA ALA H 167 5.95 13.54 -56.02
C ALA H 167 5.05 12.34 -55.71
N LEU H 168 5.67 11.20 -55.41
CA LEU H 168 5.01 9.95 -54.94
C LEU H 168 4.89 10.00 -53.42
N VAL H 169 3.66 9.90 -52.89
CA VAL H 169 3.39 9.80 -51.42
C VAL H 169 3.99 8.48 -50.93
N CYS H 170 4.77 8.52 -49.84
CA CYS H 170 5.49 7.37 -49.26
C CYS H 170 5.00 7.10 -47.83
N ARG H 171 5.13 8.08 -46.93
CA ARG H 171 4.84 7.93 -45.47
C ARG H 171 3.82 8.97 -45.01
N ILE H 172 2.87 8.55 -44.18
CA ILE H 172 1.94 9.43 -43.39
C ILE H 172 2.19 9.13 -41.91
N ALA H 173 2.85 10.06 -41.20
CA ALA H 173 3.29 9.88 -39.79
C ALA H 173 2.09 9.67 -38.87
N GLU H 174 2.35 9.16 -37.66
CA GLU H 174 1.32 8.74 -36.67
C GLU H 174 0.47 9.95 -36.22
N HIS H 175 1.06 11.14 -36.20
CA HIS H 175 0.41 12.42 -35.82
C HIS H 175 -0.78 12.71 -36.75
N VAL H 176 -0.61 12.45 -38.05
CA VAL H 176 -1.64 12.69 -39.11
C VAL H 176 -2.80 11.71 -38.90
N GLN H 177 -2.49 10.47 -38.49
CA GLN H 177 -3.46 9.35 -38.38
C GLN H 177 -4.43 9.58 -37.21
N LEU H 178 -4.06 10.42 -36.24
CA LEU H 178 -4.86 10.70 -35.01
C LEU H 178 -6.18 11.38 -35.36
N ASP H 179 -6.22 12.15 -36.45
CA ASP H 179 -7.43 12.82 -36.97
C ASP H 179 -8.11 11.91 -38.00
N PRO H 180 -9.20 11.20 -37.64
CA PRO H 180 -9.87 10.30 -38.58
C PRO H 180 -10.55 11.02 -39.75
N ASP H 181 -11.14 12.19 -39.49
CA ASP H 181 -11.87 13.02 -40.49
C ASP H 181 -10.89 13.49 -41.57
N LEU H 182 -9.68 13.89 -41.18
CA LEU H 182 -8.59 14.30 -42.10
C LEU H 182 -8.19 13.11 -42.99
N MET H 183 -7.99 11.94 -42.38
CA MET H 183 -7.55 10.70 -43.07
C MET H 183 -8.58 10.31 -44.13
N SER H 184 -9.88 10.46 -43.85
CA SER H 184 -10.99 10.26 -44.80
C SER H 184 -10.81 11.17 -46.03
N GLU H 185 -10.48 12.45 -45.78
CA GLU H 185 -10.26 13.49 -46.83
C GLU H 185 -9.03 13.12 -47.67
N LEU H 186 -7.95 12.65 -47.03
CA LEU H 186 -6.70 12.23 -47.70
C LEU H 186 -6.97 11.03 -48.62
N LYS H 187 -7.81 10.10 -48.18
CA LYS H 187 -8.21 8.88 -48.94
C LYS H 187 -9.05 9.30 -50.16
N LYS H 188 -10.02 10.20 -49.95
CA LYS H 188 -10.99 10.68 -50.98
C LYS H 188 -10.23 11.27 -52.17
N VAL H 189 -9.30 12.20 -51.92
CA VAL H 189 -8.60 13.00 -52.98
C VAL H 189 -7.36 12.23 -53.47
N GLY H 190 -6.90 11.23 -52.70
CA GLY H 190 -5.86 10.27 -53.13
C GLY H 190 -4.47 10.62 -52.61
N VAL H 191 -4.38 11.22 -51.42
CA VAL H 191 -3.10 11.41 -50.68
C VAL H 191 -2.87 10.17 -49.80
N VAL H 192 -2.47 9.07 -50.45
CA VAL H 192 -2.24 7.73 -49.82
C VAL H 192 -0.93 7.17 -50.37
N PRO H 193 -0.17 6.37 -49.59
CA PRO H 193 1.08 5.79 -50.07
C PRO H 193 0.90 5.07 -51.41
N GLY H 194 1.83 5.29 -52.34
CA GLY H 194 1.87 4.65 -53.68
C GLY H 194 1.14 5.45 -54.74
N ASN H 195 0.70 6.68 -54.43
CA ASN H 195 0.01 7.59 -55.38
C ASN H 195 0.88 8.82 -55.63
N GLU H 196 0.91 9.29 -56.89
CA GLU H 196 1.53 10.58 -57.29
C GLU H 196 0.60 11.71 -56.87
N ILE H 197 1.17 12.79 -56.33
CA ILE H 197 0.43 14.05 -55.97
C ILE H 197 1.20 15.25 -56.53
N ASP H 198 0.50 16.37 -56.73
CA ASP H 198 1.11 17.67 -57.14
C ASP H 198 1.13 18.58 -55.91
N ILE H 199 2.33 19.01 -55.51
CA ILE H 199 2.57 19.95 -54.38
C ILE H 199 2.70 21.36 -54.96
N VAL H 200 1.74 22.23 -54.64
CA VAL H 200 1.70 23.67 -55.07
C VAL H 200 2.79 24.42 -54.29
N ALA H 201 3.60 25.23 -54.98
CA ALA H 201 4.63 26.10 -54.39
C ALA H 201 3.99 27.05 -53.38
N VAL H 202 4.61 27.21 -52.21
CA VAL H 202 4.14 28.09 -51.09
C VAL H 202 5.29 29.03 -50.72
N ALA H 203 4.97 30.15 -50.06
CA ALA H 203 5.94 31.15 -49.54
C ALA H 203 5.54 31.56 -48.13
N GLY H 204 6.50 31.53 -47.18
CA GLY H 204 6.30 31.86 -45.77
C GLY H 204 6.22 30.62 -44.90
N VAL H 205 6.14 30.81 -43.58
CA VAL H 205 5.96 29.72 -42.56
C VAL H 205 4.56 29.87 -41.95
N ASN H 206 3.97 28.76 -41.50
CA ASN H 206 2.60 28.68 -40.94
C ASN H 206 1.57 29.09 -41.99
N LYS H 207 1.76 28.63 -43.23
CA LYS H 207 0.83 28.83 -44.38
C LYS H 207 0.34 27.46 -44.84
N PRO H 208 -0.98 27.26 -45.06
CA PRO H 208 -1.49 26.00 -45.60
C PRO H 208 -0.84 25.63 -46.95
N ILE H 209 -0.42 24.37 -47.11
CA ILE H 209 0.17 23.83 -48.36
C ILE H 209 -0.96 23.20 -49.18
N GLN H 210 -1.18 23.71 -50.40
CA GLN H 210 -2.20 23.19 -51.36
C GLN H 210 -1.60 21.98 -52.09
N VAL H 211 -2.33 20.87 -52.11
CA VAL H 211 -1.93 19.58 -52.76
C VAL H 211 -3.03 19.15 -53.73
N GLN H 212 -2.64 18.59 -54.88
CA GLN H 212 -3.58 18.04 -55.90
C GLN H 212 -3.30 16.55 -56.09
N GLY H 213 -4.31 15.72 -55.80
CA GLY H 213 -4.28 14.25 -56.01
C GLY H 213 -5.04 13.87 -57.27
N SER H 214 -5.10 12.57 -57.57
CA SER H 214 -5.80 11.99 -58.75
C SER H 214 -7.28 12.37 -58.74
N GLU H 215 -7.91 12.41 -57.56
CA GLU H 215 -9.38 12.60 -57.38
C GLU H 215 -9.66 13.99 -56.78
N GLY H 216 -8.80 14.98 -57.04
CA GLY H 216 -8.99 16.38 -56.62
C GLY H 216 -7.90 16.87 -55.68
N GLY H 217 -8.15 17.98 -54.98
CA GLY H 217 -7.16 18.67 -54.14
C GLY H 217 -7.68 18.97 -52.75
N THR H 218 -6.78 19.33 -51.83
CA THR H 218 -7.07 19.67 -50.41
C THR H 218 -5.97 20.59 -49.87
N GLN H 219 -6.24 21.29 -48.77
CA GLN H 219 -5.27 22.15 -48.03
C GLN H 219 -4.77 21.39 -46.80
N LEU H 220 -3.45 21.16 -46.71
CA LEU H 220 -2.78 20.56 -45.53
C LEU H 220 -2.29 21.69 -44.61
N GLN H 221 -2.47 21.53 -43.30
CA GLN H 221 -1.88 22.43 -42.27
C GLN H 221 -0.38 22.20 -42.22
N PRO H 222 0.42 23.20 -41.79
CA PRO H 222 1.88 23.07 -41.76
C PRO H 222 2.38 21.84 -40.97
N GLY H 223 1.78 21.58 -39.80
CA GLY H 223 2.08 20.42 -38.93
C GLY H 223 1.80 19.10 -39.65
N ILE H 224 0.71 19.03 -40.42
CA ILE H 224 0.29 17.83 -41.20
C ILE H 224 1.26 17.66 -42.38
N ALA H 225 1.49 18.72 -43.16
CA ALA H 225 2.36 18.72 -44.36
C ALA H 225 3.78 18.32 -43.99
N HIS H 226 4.26 18.73 -42.80
CA HIS H 226 5.60 18.37 -42.26
C HIS H 226 5.67 16.86 -42.00
N ALA H 227 4.54 16.23 -41.67
CA ALA H 227 4.44 14.83 -41.21
C ALA H 227 4.17 13.87 -42.38
N VAL H 228 4.00 14.38 -43.61
CA VAL H 228 3.84 13.57 -44.85
C VAL H 228 5.16 13.65 -45.64
N MET H 229 5.76 12.50 -45.94
CA MET H 229 7.05 12.39 -46.69
C MET H 229 6.77 11.82 -48.08
N VAL H 230 7.57 12.24 -49.08
CA VAL H 230 7.37 11.93 -50.52
C VAL H 230 8.73 11.73 -51.19
N ARG H 231 8.73 11.13 -52.38
CA ARG H 231 9.87 11.12 -53.34
C ARG H 231 9.44 11.94 -54.56
N VAL H 232 10.22 12.95 -54.94
CA VAL H 232 9.89 13.92 -56.03
C VAL H 232 10.04 13.20 -57.39
N LYS H 233 9.00 13.29 -58.23
CA LYS H 233 8.81 12.51 -59.48
C LYS H 233 8.40 11.07 -59.12
CO CO I . -0.51 4.42 -36.63
CO CO J . -1.23 3.60 -27.51
CO CO K . -10.49 -17.98 -22.42
CO CO L . -8.47 -9.65 -18.86
CO CO M . 3.75 11.49 19.44
CO CO N . 8.68 18.66 22.72
CO CO O . 2.90 -5.38 36.51
CO CO P . 1.34 -3.71 27.63
#